data_2BT2
#
_entry.id   2BT2
#
_cell.length_a   160.585
_cell.length_b   31.743
_cell.length_c   151.766
_cell.angle_alpha   90.00
_cell.angle_beta   94.39
_cell.angle_gamma   90.00
#
_symmetry.space_group_name_H-M   'C 1 2 1'
#
loop_
_entity.id
_entity.type
_entity.pdbx_description
1 polymer 'REGULATOR OF G-PROTEIN SIGNALING 16'
2 water water
#
_entity_poly.entity_id   1
_entity_poly.type   'polypeptide(L)'
_entity_poly.pdbx_seq_one_letter_code
;MHHHHHHSSGVDLGTENLYFQSMRNFSEDVLGWRESFDLLLSSKNGVAAFHAFLKTEFSEENLEFWLACEEFKKIRSATK
LASRAHQIFEEFICSEAPKEVNIDHETRELTRMNLQTATATCFDAAQGKTRTLMEKDSYPRFLKSPAYRDLAAQASAASA
T
;
_entity_poly.pdbx_strand_id   A,B,C,D,E
#
# COMPACT_ATOMS: atom_id res chain seq x y z
N ASN A 17 -40.28 1.33 24.14
CA ASN A 17 -40.34 -0.17 24.29
C ASN A 17 -39.30 -0.87 23.40
N LEU A 18 -38.43 -1.67 24.02
CA LEU A 18 -37.20 -2.18 23.34
C LEU A 18 -37.47 -3.05 22.09
N TYR A 19 -38.41 -3.99 22.19
CA TYR A 19 -38.75 -4.86 21.07
C TYR A 19 -39.24 -4.05 19.86
N PHE A 20 -40.13 -3.10 20.13
CA PHE A 20 -40.69 -2.20 19.11
C PHE A 20 -39.60 -1.32 18.46
N GLN A 21 -38.72 -0.79 19.30
CA GLN A 21 -37.55 -0.04 18.83
C GLN A 21 -36.70 -0.91 17.87
N SER A 22 -36.49 -2.16 18.28
CA SER A 22 -35.68 -3.11 17.50
CA SER A 22 -35.67 -3.08 17.49
C SER A 22 -36.30 -3.39 16.14
N MET A 23 -37.62 -3.51 16.13
CA MET A 23 -38.35 -3.81 14.93
C MET A 23 -38.21 -2.68 13.94
N ARG A 24 -38.38 -1.47 14.47
CA ARG A 24 -38.30 -0.26 13.67
C ARG A 24 -36.89 -0.07 13.17
N ASN A 25 -35.90 -0.38 14.00
CA ASN A 25 -34.49 -0.28 13.62
C ASN A 25 -34.10 -1.31 12.59
N PHE A 26 -34.57 -2.54 12.79
CA PHE A 26 -34.35 -3.57 11.80
C PHE A 26 -34.85 -3.08 10.44
N SER A 27 -36.15 -2.73 10.38
CA SER A 27 -36.81 -2.22 9.19
C SER A 27 -36.01 -1.10 8.50
N GLU A 28 -35.66 -0.08 9.26
CA GLU A 28 -34.90 1.07 8.77
C GLU A 28 -33.50 0.68 8.32
N ASP A 29 -32.83 -0.21 9.04
CA ASP A 29 -31.50 -0.65 8.65
C ASP A 29 -31.60 -1.30 7.25
N VAL A 30 -32.39 -2.36 7.16
CA VAL A 30 -32.42 -3.21 5.98
C VAL A 30 -32.90 -2.45 4.73
N LEU A 31 -33.89 -1.59 4.90
CA LEU A 31 -34.45 -0.89 3.74
C LEU A 31 -33.53 0.23 3.22
N GLY A 32 -32.63 0.71 4.08
CA GLY A 32 -31.60 1.68 3.70
C GLY A 32 -30.51 1.11 2.80
N TRP A 33 -30.18 -0.16 2.98
CA TRP A 33 -29.18 -0.85 2.15
C TRP A 33 -29.52 -0.77 0.67
N ARG A 34 -30.82 -0.81 0.40
CA ARG A 34 -31.34 -0.65 -0.94
C ARG A 34 -31.22 0.80 -1.42
N GLU A 35 -31.18 1.76 -0.50
CA GLU A 35 -31.24 3.18 -0.86
C GLU A 35 -29.86 3.74 -1.19
N SER A 36 -28.82 3.36 -0.46
CA SER A 36 -27.48 3.79 -0.82
C SER A 36 -26.44 2.82 -0.33
N PHE A 37 -25.31 2.80 -1.04
CA PHE A 37 -24.23 1.88 -0.71
C PHE A 37 -23.57 2.35 0.58
N ASP A 38 -23.52 3.67 0.77
CA ASP A 38 -23.17 4.33 2.05
C ASP A 38 -23.91 3.76 3.27
N LEU A 39 -25.20 3.53 3.11
CA LEU A 39 -26.02 3.07 4.22
C LEU A 39 -25.73 1.62 4.54
N LEU A 40 -25.51 0.81 3.51
CA LEU A 40 -25.09 -0.58 3.72
C LEU A 40 -23.76 -0.59 4.46
N LEU A 41 -22.80 0.20 3.97
CA LEU A 41 -21.42 0.18 4.50
C LEU A 41 -21.32 0.75 5.90
N SER A 42 -22.29 1.58 6.26
CA SER A 42 -22.39 2.17 7.59
C SER A 42 -23.00 1.25 8.64
N SER A 43 -23.60 0.15 8.20
CA SER A 43 -24.38 -0.71 9.09
C SER A 43 -23.56 -1.94 9.48
N LYS A 44 -23.57 -2.32 10.77
CA LYS A 44 -22.96 -3.56 11.26
C LYS A 44 -23.54 -4.80 10.58
N ASN A 45 -24.87 -4.84 10.57
CA ASN A 45 -25.59 -5.94 9.95
C ASN A 45 -25.42 -5.98 8.44
N GLY A 46 -25.49 -4.80 7.81
CA GLY A 46 -25.31 -4.68 6.38
C GLY A 46 -23.97 -5.24 5.91
N VAL A 47 -22.93 -4.79 6.57
CA VAL A 47 -21.60 -5.12 6.17
C VAL A 47 -21.41 -6.62 6.35
N ALA A 48 -21.93 -7.14 7.45
CA ALA A 48 -21.82 -8.58 7.75
C ALA A 48 -22.53 -9.45 6.70
N ALA A 49 -23.72 -9.02 6.29
CA ALA A 49 -24.53 -9.74 5.31
C ALA A 49 -23.89 -9.69 3.93
N PHE A 50 -23.50 -8.49 3.52
CA PHE A 50 -22.73 -8.26 2.28
C PHE A 50 -21.41 -9.03 2.23
N HIS A 51 -20.66 -9.05 3.31
CA HIS A 51 -19.53 -9.93 3.41
C HIS A 51 -19.85 -11.39 3.15
N ALA A 52 -20.87 -11.93 3.81
CA ALA A 52 -21.25 -13.32 3.59
C ALA A 52 -21.61 -13.54 2.10
N PHE A 53 -22.34 -12.59 1.50
CA PHE A 53 -22.69 -12.67 0.09
C PHE A 53 -21.41 -12.69 -0.75
N LEU A 54 -20.53 -11.74 -0.53
CA LEU A 54 -19.29 -11.61 -1.32
C LEU A 54 -18.43 -12.87 -1.28
N LYS A 55 -18.43 -13.55 -0.13
CA LYS A 55 -17.73 -14.83 0.00
C LYS A 55 -18.24 -15.83 -0.99
N THR A 56 -19.56 -15.87 -1.17
CA THR A 56 -20.18 -16.75 -2.19
C THR A 56 -19.72 -16.41 -3.64
N GLU A 57 -19.37 -15.16 -3.90
CA GLU A 57 -18.78 -14.73 -5.17
C GLU A 57 -17.24 -14.61 -5.16
N PHE A 58 -16.60 -15.15 -4.13
CA PHE A 58 -15.15 -15.09 -3.97
C PHE A 58 -14.58 -13.68 -4.20
N SER A 59 -15.23 -12.67 -3.62
CA SER A 59 -14.73 -11.29 -3.73
C SER A 59 -14.74 -10.55 -2.42
N GLU A 60 -14.80 -11.28 -1.32
CA GLU A 60 -14.91 -10.65 0.01
C GLU A 60 -13.68 -9.83 0.42
N GLU A 61 -12.56 -10.00 -0.26
CA GLU A 61 -11.36 -9.21 0.06
C GLU A 61 -11.52 -7.73 -0.21
N ASN A 62 -12.38 -7.37 -1.15
CA ASN A 62 -12.65 -5.94 -1.39
C ASN A 62 -13.26 -5.27 -0.16
N LEU A 63 -14.17 -5.99 0.49
CA LEU A 63 -14.82 -5.46 1.66
C LEU A 63 -13.93 -5.54 2.88
N GLU A 64 -13.24 -6.65 3.08
CA GLU A 64 -12.19 -6.70 4.10
C GLU A 64 -11.18 -5.53 3.98
N PHE A 65 -10.77 -5.19 2.78
CA PHE A 65 -9.76 -4.15 2.60
C PHE A 65 -10.38 -2.82 2.99
N TRP A 66 -11.59 -2.62 2.50
CA TRP A 66 -12.35 -1.39 2.74
C TRP A 66 -12.54 -1.17 4.24
N LEU A 67 -12.92 -2.23 4.95
CA LEU A 67 -13.19 -2.14 6.35
C LEU A 67 -11.90 -1.90 7.11
N ALA A 68 -10.79 -2.52 6.69
CA ALA A 68 -9.45 -2.27 7.23
C ALA A 68 -9.01 -0.80 7.14
N CYS A 69 -9.29 -0.22 6.00
CA CYS A 69 -9.01 1.20 5.80
C CYS A 69 -9.83 2.09 6.73
N GLU A 70 -11.10 1.73 6.94
CA GLU A 70 -11.97 2.56 7.80
C GLU A 70 -11.46 2.52 9.21
N GLU A 71 -11.01 1.35 9.67
CA GLU A 71 -10.43 1.25 11.02
C GLU A 71 -9.04 1.92 11.16
N PHE A 72 -8.20 1.78 10.16
CA PHE A 72 -6.88 2.43 10.04
C PHE A 72 -6.94 3.95 10.18
N LYS A 73 -7.84 4.57 9.45
CA LYS A 73 -7.91 6.02 9.46
C LYS A 73 -8.35 6.65 10.76
N LYS A 74 -8.75 5.85 11.73
CA LYS A 74 -9.06 6.38 13.05
C LYS A 74 -7.81 6.39 13.95
N ILE A 75 -6.71 5.74 13.52
CA ILE A 75 -5.52 5.62 14.34
C ILE A 75 -4.81 6.93 14.33
N ARG A 76 -4.42 7.45 15.51
CA ARG A 76 -3.80 8.78 15.62
CA ARG A 76 -3.80 8.76 15.55
C ARG A 76 -2.30 8.76 15.81
N SER A 77 -1.78 7.72 16.47
CA SER A 77 -0.32 7.62 16.73
C SER A 77 0.46 7.34 15.45
N ALA A 78 1.59 8.03 15.27
CA ALA A 78 2.40 7.82 14.03
C ALA A 78 2.95 6.41 13.92
N THR A 79 3.44 5.84 15.03
CA THR A 79 3.99 4.50 15.00
C THR A 79 2.95 3.38 14.76
N LYS A 80 1.75 3.54 15.32
CA LYS A 80 0.68 2.54 15.09
C LYS A 80 0.16 2.69 13.68
N LEU A 81 0.13 3.92 13.17
CA LEU A 81 -0.20 4.14 11.79
C LEU A 81 0.79 3.41 10.84
N ALA A 82 2.07 3.63 11.00
CA ALA A 82 3.07 2.96 10.18
C ALA A 82 2.97 1.45 10.24
N SER A 83 2.80 0.91 11.44
CA SER A 83 2.69 -0.57 11.61
C SER A 83 1.44 -1.18 10.94
N ARG A 84 0.28 -0.57 11.15
CA ARG A 84 -0.94 -1.01 10.48
CA ARG A 84 -0.93 -1.02 10.48
C ARG A 84 -0.88 -0.81 8.96
N ALA A 85 -0.36 0.35 8.50
CA ALA A 85 -0.20 0.56 7.11
C ALA A 85 0.66 -0.52 6.45
N HIS A 86 1.75 -0.92 7.08
CA HIS A 86 2.53 -2.00 6.49
C HIS A 86 1.76 -3.33 6.50
N GLN A 87 1.02 -3.61 7.57
CA GLN A 87 0.18 -4.84 7.65
C GLN A 87 -0.83 -4.93 6.51
N ILE A 88 -1.51 -3.80 6.27
CA ILE A 88 -2.56 -3.70 5.24
C ILE A 88 -1.98 -3.78 3.83
N PHE A 89 -0.85 -3.11 3.61
CA PHE A 89 -0.21 -3.15 2.31
C PHE A 89 0.17 -4.62 2.00
N GLU A 90 0.70 -5.31 2.97
CA GLU A 90 1.21 -6.69 2.72
C GLU A 90 0.08 -7.70 2.53
N GLU A 91 -1.08 -7.44 3.13
CA GLU A 91 -2.24 -8.36 3.06
C GLU A 91 -3.11 -8.08 1.81
N PHE A 92 -3.19 -6.83 1.35
CA PHE A 92 -4.21 -6.43 0.37
C PHE A 92 -3.67 -5.76 -0.88
N ILE A 93 -2.50 -5.11 -0.80
CA ILE A 93 -2.09 -4.17 -1.88
C ILE A 93 -0.93 -4.72 -2.72
N CYS A 94 0.05 -5.33 -2.08
CA CYS A 94 1.25 -5.76 -2.77
CA CYS A 94 1.23 -5.69 -2.84
C CYS A 94 1.02 -6.88 -3.79
N SER A 95 1.80 -6.87 -4.86
CA SER A 95 1.73 -7.93 -5.83
C SER A 95 1.88 -9.26 -5.09
N GLU A 96 0.97 -10.20 -5.36
CA GLU A 96 0.93 -11.51 -4.75
C GLU A 96 0.59 -11.47 -3.24
N ALA A 97 0.04 -10.36 -2.76
CA ALA A 97 -0.57 -10.30 -1.42
C ALA A 97 -1.63 -11.42 -1.29
N PRO A 98 -1.79 -11.97 -0.08
CA PRO A 98 -2.78 -13.05 0.06
C PRO A 98 -4.24 -12.63 -0.25
N LYS A 99 -4.57 -11.38 -0.04
CA LYS A 99 -5.89 -10.85 -0.39
C LYS A 99 -5.79 -9.66 -1.34
N GLU A 100 -4.95 -9.81 -2.36
CA GLU A 100 -4.64 -8.75 -3.28
C GLU A 100 -5.93 -8.26 -3.94
N VAL A 101 -6.18 -6.96 -3.82
CA VAL A 101 -7.33 -6.37 -4.49
C VAL A 101 -6.96 -5.96 -5.90
N ASN A 102 -7.98 -5.79 -6.73
CA ASN A 102 -7.78 -5.56 -8.14
C ASN A 102 -7.58 -4.06 -8.44
N ILE A 103 -6.33 -3.60 -8.33
CA ILE A 103 -5.99 -2.22 -8.60
C ILE A 103 -4.82 -2.14 -9.58
N ASP A 104 -4.68 -0.97 -10.19
CA ASP A 104 -3.64 -0.75 -11.18
C ASP A 104 -2.32 -0.40 -10.59
N HIS A 105 -1.28 -0.57 -11.42
CA HIS A 105 0.10 -0.39 -10.94
C HIS A 105 0.25 0.98 -10.26
N GLU A 106 -0.39 1.98 -10.83
CA GLU A 106 -0.18 3.33 -10.39
C GLU A 106 -0.69 3.53 -8.98
N THR A 107 -1.89 3.02 -8.72
CA THR A 107 -2.50 3.07 -7.40
C THR A 107 -1.68 2.26 -6.45
N ARG A 108 -1.20 1.11 -6.91
CA ARG A 108 -0.36 0.33 -6.06
C ARG A 108 0.97 1.05 -5.69
N GLU A 109 1.63 1.65 -6.65
CA GLU A 109 2.89 2.36 -6.37
C GLU A 109 2.71 3.62 -5.54
N LEU A 110 1.62 4.33 -5.77
CA LEU A 110 1.31 5.45 -4.90
C LEU A 110 1.20 5.03 -3.45
N THR A 111 0.46 3.94 -3.24
CA THR A 111 0.22 3.45 -1.92
C THR A 111 1.51 3.04 -1.25
N ARG A 112 2.38 2.34 -1.97
CA ARG A 112 3.72 2.01 -1.47
C ARG A 112 4.57 3.21 -1.09
N MET A 113 4.48 4.30 -1.85
CA MET A 113 5.18 5.52 -1.53
C MET A 113 4.58 6.22 -0.31
N ASN A 114 3.25 6.15 -0.17
CA ASN A 114 2.59 6.67 1.03
C ASN A 114 3.07 6.01 2.30
N LEU A 115 3.45 4.73 2.18
CA LEU A 115 3.97 3.98 3.31
C LEU A 115 5.18 4.65 3.95
N GLN A 116 5.92 5.49 3.22
CA GLN A 116 7.18 6.05 3.74
C GLN A 116 6.95 6.80 5.02
N THR A 117 5.84 7.53 5.07
CA THR A 117 5.41 8.20 6.30
C THR A 117 3.90 8.10 6.36
N ALA A 118 3.43 6.91 6.70
CA ALA A 118 2.00 6.56 6.69
C ALA A 118 1.16 7.52 7.50
N THR A 119 0.25 8.22 6.83
CA THR A 119 -0.72 9.09 7.50
C THR A 119 -2.09 8.44 7.29
N ALA A 120 -3.11 9.05 7.88
CA ALA A 120 -4.46 8.54 7.78
C ALA A 120 -4.99 8.44 6.36
N THR A 121 -4.43 9.19 5.42
CA THR A 121 -4.91 9.16 4.03
C THR A 121 -4.13 8.15 3.15
N CYS A 122 -3.28 7.33 3.79
CA CYS A 122 -2.39 6.42 3.10
C CYS A 122 -3.09 5.59 2.00
N PHE A 123 -4.29 5.10 2.29
CA PHE A 123 -5.07 4.26 1.41
C PHE A 123 -6.23 4.86 0.68
N ASP A 124 -6.33 6.19 0.68
CA ASP A 124 -7.55 6.79 0.17
C ASP A 124 -7.76 6.35 -1.27
N ALA A 125 -6.71 6.44 -2.08
CA ALA A 125 -6.90 6.15 -3.52
C ALA A 125 -7.29 4.70 -3.71
N ALA A 126 -6.63 3.78 -3.00
CA ALA A 126 -6.88 2.37 -3.14
C ALA A 126 -8.26 2.01 -2.62
N GLN A 127 -8.62 2.57 -1.46
CA GLN A 127 -10.00 2.48 -0.96
C GLN A 127 -11.11 2.94 -1.91
N GLY A 128 -10.93 4.08 -2.59
CA GLY A 128 -11.90 4.58 -3.54
C GLY A 128 -12.04 3.66 -4.74
N LYS A 129 -10.93 3.15 -5.24
CA LYS A 129 -11.03 2.20 -6.32
C LYS A 129 -11.81 0.95 -5.84
N THR A 130 -11.50 0.48 -4.63
CA THR A 130 -12.11 -0.77 -4.12
C THR A 130 -13.64 -0.60 -3.90
N ARG A 131 -14.02 0.56 -3.40
CA ARG A 131 -15.44 0.89 -3.23
C ARG A 131 -16.21 0.81 -4.55
N THR A 132 -15.65 1.43 -5.58
CA THR A 132 -16.27 1.42 -6.91
C THR A 132 -16.41 0.03 -7.45
N LEU A 133 -15.38 -0.80 -7.31
CA LEU A 133 -15.40 -2.23 -7.70
C LEU A 133 -16.60 -2.96 -7.13
N MET A 134 -16.85 -2.76 -5.83
CA MET A 134 -18.02 -3.31 -5.14
C MET A 134 -19.32 -2.64 -5.54
N GLU A 135 -19.33 -1.31 -5.66
CA GLU A 135 -20.53 -0.51 -5.88
C GLU A 135 -21.12 -0.75 -7.25
N LYS A 136 -20.24 -0.86 -8.24
CA LYS A 136 -20.66 -1.07 -9.61
C LYS A 136 -21.17 -2.46 -9.83
N ASP A 137 -20.58 -3.43 -9.14
CA ASP A 137 -20.71 -4.82 -9.50
C ASP A 137 -21.51 -5.57 -8.45
N SER A 138 -20.85 -5.87 -7.33
CA SER A 138 -21.39 -6.83 -6.36
C SER A 138 -22.58 -6.25 -5.56
N TYR A 139 -22.61 -4.94 -5.34
CA TYR A 139 -23.67 -4.33 -4.52
C TYR A 139 -25.09 -4.49 -5.14
N PRO A 140 -25.26 -4.16 -6.44
CA PRO A 140 -26.56 -4.39 -7.10
C PRO A 140 -27.00 -5.85 -7.21
N ARG A 141 -26.06 -6.77 -7.39
CA ARG A 141 -26.36 -8.20 -7.30
C ARG A 141 -26.80 -8.60 -5.88
N PHE A 142 -26.13 -8.06 -4.87
CA PHE A 142 -26.53 -8.31 -3.49
C PHE A 142 -27.99 -7.99 -3.25
N LEU A 143 -28.41 -6.82 -3.73
CA LEU A 143 -29.73 -6.35 -3.49
C LEU A 143 -30.72 -7.19 -4.24
N LYS A 144 -30.27 -7.89 -5.28
CA LYS A 144 -31.17 -8.80 -6.03
C LYS A 144 -31.17 -10.24 -5.51
N SER A 145 -30.35 -10.55 -4.50
CA SER A 145 -30.25 -11.92 -4.02
C SER A 145 -31.51 -12.32 -3.23
N PRO A 146 -31.89 -13.60 -3.30
CA PRO A 146 -33.04 -14.08 -2.55
C PRO A 146 -33.00 -13.66 -1.08
N ALA A 147 -31.80 -13.69 -0.49
CA ALA A 147 -31.60 -13.34 0.90
C ALA A 147 -32.01 -11.91 1.20
N TYR A 148 -31.55 -10.99 0.37
CA TYR A 148 -31.79 -9.59 0.62
C TYR A 148 -33.26 -9.34 0.40
N ARG A 149 -33.78 -9.96 -0.67
CA ARG A 149 -35.17 -9.86 -1.03
C ARG A 149 -36.09 -10.42 0.07
N ASP A 150 -35.69 -11.49 0.74
CA ASP A 150 -36.41 -12.00 1.93
C ASP A 150 -36.31 -11.03 3.11
N LEU A 151 -35.11 -10.49 3.36
CA LEU A 151 -34.92 -9.55 4.45
C LEU A 151 -35.76 -8.28 4.26
N ALA A 152 -35.85 -7.81 3.02
CA ALA A 152 -36.53 -6.54 2.75
C ALA A 152 -38.05 -6.71 2.87
N ALA A 153 -38.55 -7.89 2.52
CA ALA A 153 -39.94 -8.26 2.74
C ALA A 153 -40.29 -8.23 4.24
N GLN A 154 -39.42 -8.79 5.08
CA GLN A 154 -39.61 -8.76 6.52
C GLN A 154 -39.61 -7.33 7.05
N ALA A 155 -38.74 -6.49 6.47
CA ALA A 155 -38.52 -5.13 6.95
C ALA A 155 -39.71 -4.26 6.66
N SER A 156 -40.34 -4.50 5.51
CA SER A 156 -41.60 -3.86 5.16
C SER A 156 -42.81 -4.38 5.97
N ALA A 157 -42.66 -5.55 6.58
CA ALA A 157 -43.61 -6.06 7.57
C ALA A 157 -43.32 -5.47 8.97
N ALA A 158 -42.04 -5.34 9.32
CA ALA A 158 -41.61 -4.59 10.52
C ALA A 158 -41.84 -3.08 10.33
N SER A 159 -42.15 -2.69 9.09
CA SER A 159 -42.91 -1.48 8.76
C SER A 159 -42.22 -0.57 7.76
N ASN B 17 55.19 0.89 14.93
CA ASN B 17 54.73 2.18 14.29
C ASN B 17 53.43 2.09 13.48
N LEU B 18 52.96 3.26 13.06
CA LEU B 18 51.62 3.39 12.47
C LEU B 18 51.53 2.81 11.04
N TYR B 19 52.66 2.77 10.32
CA TYR B 19 52.72 2.11 9.01
C TYR B 19 52.67 0.60 9.18
N PHE B 20 53.47 0.09 10.12
CA PHE B 20 53.60 -1.34 10.30
C PHE B 20 52.31 -1.96 10.76
N GLN B 21 51.63 -1.31 11.71
CA GLN B 21 50.37 -1.88 12.25
C GLN B 21 49.30 -1.89 11.17
N SER B 22 49.26 -0.81 10.39
CA SER B 22 48.24 -0.65 9.36
C SER B 22 48.44 -1.63 8.23
N MET B 23 49.70 -1.82 7.83
CA MET B 23 50.03 -2.76 6.74
C MET B 23 49.75 -4.19 7.18
N ARG B 24 50.08 -4.50 8.43
CA ARG B 24 49.66 -5.77 9.05
C ARG B 24 48.16 -6.02 8.89
N ASN B 25 47.37 -5.08 9.39
CA ASN B 25 45.91 -5.18 9.34
C ASN B 25 45.42 -5.35 7.91
N PHE B 26 45.94 -4.50 7.03
CA PHE B 26 45.59 -4.56 5.62
C PHE B 26 45.85 -5.95 5.04
N SER B 27 47.08 -6.42 5.23
CA SER B 27 47.50 -7.72 4.72
C SER B 27 46.60 -8.84 5.18
N GLU B 28 46.41 -8.92 6.49
CA GLU B 28 45.71 -10.06 7.08
C GLU B 28 44.21 -10.05 6.74
N ASP B 29 43.65 -8.84 6.61
CA ASP B 29 42.25 -8.64 6.26
C ASP B 29 42.02 -9.12 4.83
N VAL B 30 42.79 -8.57 3.91
CA VAL B 30 42.72 -8.90 2.49
C VAL B 30 42.91 -10.37 2.17
N LEU B 31 43.94 -10.98 2.76
CA LEU B 31 44.23 -12.40 2.52
C LEU B 31 43.17 -13.29 3.13
N GLY B 32 42.64 -12.90 4.28
CA GLY B 32 41.47 -13.56 4.85
C GLY B 32 40.25 -13.70 3.95
N TRP B 33 40.01 -12.72 3.07
CA TRP B 33 38.85 -12.75 2.15
C TRP B 33 38.90 -13.96 1.20
N ARG B 34 40.10 -14.44 0.88
CA ARG B 34 40.18 -15.59 -0.02
C ARG B 34 40.23 -16.93 0.73
N GLU B 35 40.19 -16.88 2.07
CA GLU B 35 40.24 -18.10 2.90
C GLU B 35 38.84 -18.66 3.05
N SER B 36 37.90 -17.76 3.29
CA SER B 36 36.51 -18.11 3.58
C SER B 36 35.62 -16.90 3.25
N PHE B 37 34.37 -17.18 2.85
CA PHE B 37 33.37 -16.14 2.58
C PHE B 37 33.00 -15.46 3.89
N ASP B 38 33.07 -16.24 4.97
CA ASP B 38 32.75 -15.75 6.31
C ASP B 38 33.70 -14.64 6.71
N LEU B 39 34.97 -14.79 6.38
CA LEU B 39 35.96 -13.77 6.64
C LEU B 39 35.73 -12.50 5.83
N LEU B 40 35.29 -12.66 4.59
CA LEU B 40 34.98 -11.52 3.76
C LEU B 40 33.83 -10.78 4.39
N LEU B 41 32.73 -11.49 4.66
CA LEU B 41 31.49 -10.90 5.16
C LEU B 41 31.63 -10.27 6.55
N SER B 42 32.59 -10.77 7.34
CA SER B 42 32.87 -10.21 8.66
C SER B 42 33.73 -8.95 8.67
N SER B 43 34.11 -8.46 7.49
CA SER B 43 35.13 -7.45 7.37
C SER B 43 34.44 -6.24 6.84
N LYS B 44 34.52 -5.11 7.53
CA LYS B 44 33.96 -3.85 6.99
C LYS B 44 34.54 -3.46 5.60
N ASN B 45 35.83 -3.71 5.41
CA ASN B 45 36.47 -3.37 4.15
C ASN B 45 36.21 -4.42 3.08
N GLY B 46 36.18 -5.67 3.52
CA GLY B 46 35.77 -6.78 2.68
C GLY B 46 34.37 -6.60 2.10
N VAL B 47 33.40 -6.21 2.93
CA VAL B 47 32.05 -6.07 2.42
C VAL B 47 31.92 -4.82 1.59
N ALA B 48 32.66 -3.76 1.93
CA ALA B 48 32.67 -2.61 1.05
C ALA B 48 33.22 -3.02 -0.33
N ALA B 49 34.27 -3.83 -0.32
CA ALA B 49 34.94 -4.27 -1.55
C ALA B 49 34.02 -5.11 -2.40
N PHE B 50 33.43 -6.14 -1.77
CA PHE B 50 32.47 -7.04 -2.40
C PHE B 50 31.25 -6.30 -2.91
N HIS B 51 30.79 -5.30 -2.16
CA HIS B 51 29.63 -4.52 -2.61
C HIS B 51 29.93 -3.77 -3.88
N ALA B 52 31.08 -3.12 -3.91
CA ALA B 52 31.54 -2.47 -5.14
C ALA B 52 31.61 -3.45 -6.33
N PHE B 53 32.08 -4.67 -6.08
CA PHE B 53 32.21 -5.64 -7.16
C PHE B 53 30.86 -6.12 -7.66
N LEU B 54 29.92 -6.38 -6.75
CA LEU B 54 28.58 -6.84 -7.11
C LEU B 54 27.80 -5.78 -7.86
N LYS B 55 28.09 -4.52 -7.57
CA LYS B 55 27.49 -3.43 -8.34
C LYS B 55 27.79 -3.56 -9.82
N THR B 56 29.01 -3.96 -10.14
CA THR B 56 29.43 -4.12 -11.54
C THR B 56 28.71 -5.29 -12.21
N GLU B 57 28.21 -6.24 -11.41
CA GLU B 57 27.45 -7.38 -11.91
C GLU B 57 25.96 -7.19 -11.72
N PHE B 58 25.55 -5.99 -11.33
CA PHE B 58 24.14 -5.71 -11.12
C PHE B 58 23.54 -6.71 -10.14
N SER B 59 24.24 -6.90 -9.03
CA SER B 59 23.94 -7.99 -8.09
C SER B 59 23.92 -7.59 -6.62
N GLU B 60 24.12 -6.30 -6.37
CA GLU B 60 24.48 -5.79 -5.03
C GLU B 60 23.33 -5.86 -4.01
N GLU B 61 22.09 -5.92 -4.51
CA GLU B 61 20.96 -6.10 -3.60
C GLU B 61 21.08 -7.36 -2.74
N ASN B 62 21.76 -8.37 -3.23
CA ASN B 62 21.89 -9.58 -2.44
C ASN B 62 22.67 -9.27 -1.12
N LEU B 63 23.80 -8.62 -1.27
CA LEU B 63 24.60 -8.18 -0.11
C LEU B 63 23.91 -7.12 0.76
N GLU B 64 23.26 -6.12 0.14
CA GLU B 64 22.45 -5.17 0.90
C GLU B 64 21.41 -5.89 1.76
N PHE B 65 20.75 -6.90 1.22
CA PHE B 65 19.79 -7.68 2.01
C PHE B 65 20.49 -8.42 3.14
N TRP B 66 21.57 -9.13 2.82
CA TRP B 66 22.33 -9.81 3.84
C TRP B 66 22.78 -8.83 4.97
N LEU B 67 23.28 -7.67 4.63
CA LEU B 67 23.76 -6.76 5.64
C LEU B 67 22.62 -6.21 6.50
N ALA B 68 21.47 -5.97 5.85
CA ALA B 68 20.24 -5.50 6.53
C ALA B 68 19.76 -6.46 7.58
N CYS B 69 19.74 -7.73 7.23
CA CYS B 69 19.47 -8.84 8.18
C CYS B 69 20.44 -8.94 9.41
N GLU B 70 21.74 -8.78 9.17
CA GLU B 70 22.72 -8.70 10.23
C GLU B 70 22.42 -7.59 11.23
N GLU B 71 22.15 -6.41 10.71
CA GLU B 71 21.72 -5.28 11.58
C GLU B 71 20.41 -5.57 12.35
N PHE B 72 19.45 -6.14 11.66
CA PHE B 72 18.10 -6.39 12.20
C PHE B 72 18.19 -7.40 13.35
N LYS B 73 18.99 -8.43 13.18
CA LYS B 73 19.22 -9.44 14.22
C LYS B 73 19.60 -8.89 15.60
N LYS B 74 20.18 -7.69 15.63
CA LYS B 74 20.66 -7.06 16.87
C LYS B 74 19.53 -6.36 17.67
N ILE B 75 18.39 -6.10 17.03
CA ILE B 75 17.32 -5.29 17.58
C ILE B 75 16.63 -6.09 18.67
N ARG B 76 16.51 -5.52 19.87
CA ARG B 76 15.81 -6.27 20.96
C ARG B 76 14.33 -5.91 21.20
N SER B 77 13.91 -4.70 20.81
CA SER B 77 12.53 -4.26 21.01
C SER B 77 11.57 -4.96 20.07
N ALA B 78 10.50 -5.51 20.63
CA ALA B 78 9.50 -6.24 19.83
C ALA B 78 8.92 -5.35 18.76
N THR B 79 8.64 -4.09 19.10
CA THR B 79 8.09 -3.19 18.10
C THR B 79 9.09 -2.73 17.04
N LYS B 80 10.34 -2.47 17.43
CA LYS B 80 11.36 -2.13 16.43
C LYS B 80 11.65 -3.35 15.54
N LEU B 81 11.58 -4.57 16.09
CA LEU B 81 11.72 -5.77 15.26
C LEU B 81 10.61 -5.85 14.21
N ALA B 82 9.36 -5.65 14.61
CA ALA B 82 8.26 -5.74 13.66
C ALA B 82 8.37 -4.60 12.65
N SER B 83 8.70 -3.38 13.10
CA SER B 83 8.85 -2.24 12.21
C SER B 83 9.98 -2.45 11.21
N ARG B 84 11.14 -2.85 11.67
CA ARG B 84 12.20 -3.07 10.67
C ARG B 84 11.92 -4.25 9.73
N ALA B 85 11.27 -5.29 10.25
CA ALA B 85 10.98 -6.46 9.41
C ALA B 85 10.03 -6.11 8.27
N HIS B 86 8.98 -5.35 8.55
CA HIS B 86 8.09 -4.86 7.45
C HIS B 86 8.89 -4.06 6.39
N GLN B 87 9.84 -3.26 6.86
CA GLN B 87 10.70 -2.46 5.96
C GLN B 87 11.59 -3.29 5.09
N ILE B 88 12.29 -4.24 5.71
CA ILE B 88 13.15 -5.12 4.96
C ILE B 88 12.32 -5.98 3.96
N PHE B 89 11.23 -6.55 4.42
CA PHE B 89 10.35 -7.36 3.55
C PHE B 89 9.94 -6.58 2.32
N GLU B 90 9.45 -5.37 2.54
CA GLU B 90 9.00 -4.56 1.39
C GLU B 90 10.12 -4.09 0.44
N GLU B 91 11.34 -3.97 0.94
CA GLU B 91 12.45 -3.50 0.13
C GLU B 91 13.07 -4.61 -0.74
N PHE B 92 13.07 -5.85 -0.21
CA PHE B 92 13.91 -6.95 -0.72
C PHE B 92 13.17 -8.23 -0.98
N ILE B 93 12.00 -8.47 -0.36
CA ILE B 93 11.44 -9.86 -0.32
C ILE B 93 10.14 -10.00 -1.13
N CYS B 94 9.28 -8.99 -1.07
CA CYS B 94 7.95 -9.15 -1.68
C CYS B 94 8.06 -9.10 -3.21
N SER B 95 7.07 -9.70 -3.89
CA SER B 95 7.03 -9.65 -5.33
C SER B 95 7.07 -8.17 -5.75
N GLU B 96 7.92 -7.90 -6.70
CA GLU B 96 8.11 -6.57 -7.30
C GLU B 96 8.73 -5.59 -6.31
N ALA B 97 9.34 -6.10 -5.24
CA ALA B 97 10.10 -5.25 -4.30
C ALA B 97 11.19 -4.56 -5.12
N PRO B 98 11.49 -3.30 -4.80
CA PRO B 98 12.44 -2.54 -5.61
C PRO B 98 13.87 -3.09 -5.56
N LYS B 99 14.19 -3.88 -4.55
CA LYS B 99 15.47 -4.61 -4.53
C LYS B 99 15.24 -6.11 -4.38
N GLU B 100 14.24 -6.64 -5.06
CA GLU B 100 13.79 -8.00 -4.82
C GLU B 100 14.93 -9.02 -4.97
N VAL B 101 15.11 -9.90 -4.00
CA VAL B 101 16.10 -10.97 -4.12
C VAL B 101 15.46 -12.22 -4.73
N ASN B 102 16.31 -13.07 -5.28
CA ASN B 102 15.91 -14.25 -6.00
C ASN B 102 15.58 -15.40 -5.05
N ILE B 103 14.36 -15.41 -4.49
CA ILE B 103 13.98 -16.53 -3.60
C ILE B 103 12.66 -17.10 -3.99
N ASP B 104 12.40 -18.30 -3.48
CA ASP B 104 11.22 -19.03 -3.88
C ASP B 104 10.02 -18.59 -3.10
N HIS B 105 8.88 -19.01 -3.62
CA HIS B 105 7.59 -18.62 -3.14
C HIS B 105 7.44 -19.00 -1.66
N GLU B 106 7.84 -20.21 -1.27
CA GLU B 106 7.66 -20.59 0.14
C GLU B 106 8.48 -19.73 1.10
N THR B 107 9.75 -19.53 0.79
CA THR B 107 10.60 -18.68 1.58
C THR B 107 9.99 -17.31 1.74
N ARG B 108 9.43 -16.78 0.66
CA ARG B 108 8.81 -15.44 0.75
C ARG B 108 7.61 -15.45 1.69
N GLU B 109 6.72 -16.44 1.50
CA GLU B 109 5.47 -16.55 2.31
C GLU B 109 5.71 -16.78 3.78
N LEU B 110 6.66 -17.64 4.09
CA LEU B 110 7.06 -17.91 5.48
C LEU B 110 7.56 -16.68 6.17
N THR B 111 8.36 -15.94 5.44
CA THR B 111 8.87 -14.67 5.92
C THR B 111 7.73 -13.68 6.12
N ARG B 112 6.87 -13.45 5.13
CA ARG B 112 5.63 -12.63 5.31
C ARG B 112 4.81 -12.93 6.56
N MET B 113 4.57 -14.20 6.85
CA MET B 113 3.71 -14.59 7.95
C MET B 113 4.34 -14.36 9.31
N ASN B 114 5.64 -14.16 9.34
CA ASN B 114 6.36 -13.80 10.57
C ASN B 114 6.65 -12.33 10.83
N LEU B 115 6.25 -11.44 9.93
CA LEU B 115 6.61 -10.02 10.09
C LEU B 115 5.98 -9.35 11.35
N GLN B 116 4.70 -9.59 11.60
CA GLN B 116 4.01 -8.92 12.72
C GLN B 116 4.58 -9.27 14.09
N THR B 117 4.91 -10.56 14.25
CA THR B 117 5.55 -11.06 15.46
C THR B 117 7.03 -11.32 15.29
N ALA B 118 7.68 -10.48 14.53
CA ALA B 118 9.03 -10.70 14.10
C ALA B 118 9.95 -10.80 15.28
N THR B 119 10.77 -11.83 15.23
CA THR B 119 11.82 -11.99 16.18
C THR B 119 13.07 -11.83 15.36
N ALA B 120 14.20 -11.96 16.05
CA ALA B 120 15.51 -11.84 15.41
C ALA B 120 15.84 -12.90 14.36
N THR B 121 15.14 -14.04 14.35
CA THR B 121 15.30 -15.11 13.34
C THR B 121 14.36 -14.98 12.14
N CYS B 122 13.62 -13.87 12.08
CA CYS B 122 12.61 -13.70 11.05
C CYS B 122 13.13 -13.91 9.57
N PHE B 123 14.37 -13.52 9.31
CA PHE B 123 14.95 -13.56 7.96
C PHE B 123 16.00 -14.61 7.75
N ASP B 124 16.08 -15.55 8.69
CA ASP B 124 17.12 -16.57 8.69
C ASP B 124 17.07 -17.44 7.41
N ALA B 125 15.88 -17.88 7.02
CA ALA B 125 15.77 -18.72 5.82
C ALA B 125 16.18 -17.92 4.58
N ALA B 126 15.58 -16.75 4.42
CA ALA B 126 15.94 -15.82 3.33
C ALA B 126 17.43 -15.48 3.31
N GLN B 127 17.94 -15.11 4.47
CA GLN B 127 19.33 -14.72 4.57
C GLN B 127 20.23 -15.86 4.09
N GLY B 128 19.95 -17.09 4.52
CA GLY B 128 20.75 -18.25 4.16
C GLY B 128 20.72 -18.58 2.67
N LYS B 129 19.54 -18.44 2.08
CA LYS B 129 19.41 -18.53 0.60
C LYS B 129 20.28 -17.51 -0.13
N THR B 130 20.18 -16.27 0.30
CA THR B 130 20.95 -15.21 -0.30
C THR B 130 22.46 -15.40 -0.08
N ARG B 131 22.87 -15.89 1.08
CA ARG B 131 24.28 -16.11 1.32
C ARG B 131 24.84 -17.09 0.30
N THR B 132 24.11 -18.19 0.07
CA THR B 132 24.46 -19.25 -0.89
C THR B 132 24.44 -18.78 -2.35
N LEU B 133 23.47 -17.95 -2.71
CA LEU B 133 23.50 -17.25 -3.97
C LEU B 133 24.85 -16.57 -4.20
N MET B 134 25.32 -15.80 -3.23
CA MET B 134 26.55 -14.99 -3.41
C MET B 134 27.79 -15.91 -3.34
N GLU B 135 27.79 -16.85 -2.40
CA GLU B 135 28.94 -17.71 -2.16
C GLU B 135 29.23 -18.59 -3.36
N LYS B 136 28.16 -19.07 -4.00
CA LYS B 136 28.31 -19.99 -5.12
C LYS B 136 28.70 -19.23 -6.39
N ASP B 137 28.19 -18.01 -6.55
CA ASP B 137 28.18 -17.35 -7.84
C ASP B 137 29.23 -16.26 -7.95
N SER B 138 29.09 -15.24 -7.12
CA SER B 138 29.80 -14.00 -7.27
C SER B 138 31.12 -14.01 -6.51
N TYR B 139 31.14 -14.70 -5.36
CA TYR B 139 32.31 -14.77 -4.47
C TYR B 139 33.60 -15.29 -5.16
N PRO B 140 33.49 -16.40 -5.92
CA PRO B 140 34.63 -16.93 -6.70
C PRO B 140 35.13 -15.97 -7.81
N ARG B 141 34.22 -15.20 -8.37
CA ARG B 141 34.56 -14.26 -9.41
C ARG B 141 35.16 -13.01 -8.82
N PHE B 142 34.70 -12.65 -7.62
CA PHE B 142 35.25 -11.54 -6.87
C PHE B 142 36.72 -11.75 -6.67
N LEU B 143 37.08 -12.95 -6.21
CA LEU B 143 38.45 -13.32 -5.95
C LEU B 143 39.32 -13.42 -7.24
N LYS B 144 38.71 -13.62 -8.41
CA LYS B 144 39.42 -13.60 -9.70
C LYS B 144 39.47 -12.18 -10.36
N SER B 145 38.82 -11.20 -9.73
CA SER B 145 38.82 -9.85 -10.25
C SER B 145 40.22 -9.26 -10.16
N PRO B 146 40.60 -8.39 -11.11
CA PRO B 146 41.93 -7.78 -11.05
C PRO B 146 42.14 -6.94 -9.79
N ALA B 147 41.07 -6.26 -9.33
CA ALA B 147 41.17 -5.45 -8.12
C ALA B 147 41.54 -6.31 -6.93
N TYR B 148 40.95 -7.50 -6.81
CA TYR B 148 41.29 -8.36 -5.68
C TYR B 148 42.69 -8.93 -5.88
N ARG B 149 43.00 -9.35 -7.12
CA ARG B 149 44.34 -9.86 -7.35
C ARG B 149 45.40 -8.79 -7.05
N ASP B 150 45.13 -7.52 -7.37
CA ASP B 150 46.06 -6.41 -7.06
C ASP B 150 46.24 -6.28 -5.57
N LEU B 151 45.14 -6.18 -4.82
CA LEU B 151 45.21 -6.07 -3.36
C LEU B 151 45.89 -7.27 -2.71
N ALA B 152 45.63 -8.45 -3.26
CA ALA B 152 46.24 -9.66 -2.70
C ALA B 152 47.76 -9.64 -2.92
N ALA B 153 48.20 -9.20 -4.09
CA ALA B 153 49.64 -9.03 -4.37
C ALA B 153 50.27 -8.12 -3.32
N GLN B 154 49.67 -6.95 -3.10
CA GLN B 154 50.18 -6.00 -2.12
C GLN B 154 50.17 -6.53 -0.68
N ALA B 155 49.15 -7.32 -0.35
CA ALA B 155 49.03 -7.97 0.95
C ALA B 155 50.15 -9.02 1.10
N SER B 156 50.33 -9.83 0.07
CA SER B 156 51.40 -10.83 0.05
C SER B 156 52.80 -10.22 0.03
N ALA B 157 52.97 -9.08 -0.64
CA ALA B 157 54.27 -8.39 -0.62
C ALA B 157 54.63 -7.89 0.79
N ALA B 158 53.65 -7.35 1.50
CA ALA B 158 53.89 -6.76 2.82
C ALA B 158 54.38 -7.79 3.83
N GLU C 16 -38.41 -24.26 36.46
CA GLU C 16 -37.66 -24.40 37.74
C GLU C 16 -37.25 -25.87 37.99
N ASN C 17 -38.04 -26.82 37.52
CA ASN C 17 -37.70 -28.23 37.72
C ASN C 17 -36.49 -28.69 36.91
N LEU C 18 -36.05 -29.90 37.19
CA LEU C 18 -34.79 -30.37 36.63
C LEU C 18 -35.02 -30.99 35.26
N TYR C 19 -36.23 -31.46 34.99
CA TYR C 19 -36.51 -32.04 33.70
C TYR C 19 -36.51 -30.89 32.71
N PHE C 20 -37.27 -29.84 33.06
CA PHE C 20 -37.43 -28.67 32.20
C PHE C 20 -36.09 -28.00 31.82
N GLN C 21 -35.24 -27.72 32.81
CA GLN C 21 -33.98 -27.02 32.54
C GLN C 21 -33.09 -27.89 31.67
N SER C 22 -32.97 -29.14 32.08
CA SER C 22 -32.15 -30.10 31.38
C SER C 22 -32.62 -30.28 29.93
N MET C 23 -33.93 -30.32 29.74
CA MET C 23 -34.47 -30.56 28.43
C MET C 23 -34.28 -29.32 27.57
N ARG C 24 -34.51 -28.13 28.15
CA ARG C 24 -34.24 -26.87 27.48
C ARG C 24 -32.78 -26.74 27.02
N ASN C 25 -31.86 -27.13 27.90
CA ASN C 25 -30.43 -27.09 27.64
C ASN C 25 -30.07 -28.06 26.54
N PHE C 26 -30.58 -29.27 26.65
CA PHE C 26 -30.42 -30.26 25.63
C PHE C 26 -30.89 -29.76 24.28
N SER C 27 -32.11 -29.26 24.24
CA SER C 27 -32.71 -28.78 23.00
C SER C 27 -31.92 -27.68 22.36
N GLU C 28 -31.57 -26.66 23.14
CA GLU C 28 -30.84 -25.52 22.64
C GLU C 28 -29.45 -25.89 22.16
N ASP C 29 -28.86 -26.90 22.78
CA ASP C 29 -27.50 -27.29 22.46
C ASP C 29 -27.50 -28.02 21.12
N VAL C 30 -28.29 -29.08 21.04
CA VAL C 30 -28.37 -29.92 19.86
C VAL C 30 -28.82 -29.12 18.64
N LEU C 31 -29.80 -28.25 18.82
CA LEU C 31 -30.28 -27.52 17.70
C LEU C 31 -29.29 -26.47 17.25
N GLY C 32 -28.53 -25.91 18.18
CA GLY C 32 -27.42 -25.03 17.85
C GLY C 32 -26.35 -25.65 16.94
N TRP C 33 -26.13 -26.95 17.03
CA TRP C 33 -25.07 -27.58 16.23
C TRP C 33 -25.30 -27.42 14.73
N ARG C 34 -26.57 -27.34 14.32
CA ARG C 34 -26.90 -27.20 12.90
C ARG C 34 -26.85 -25.75 12.48
N GLU C 35 -26.84 -24.83 13.43
CA GLU C 35 -26.87 -23.41 13.11
C GLU C 35 -25.48 -22.92 12.77
N SER C 36 -24.45 -23.41 13.46
CA SER C 36 -23.09 -23.05 13.09
C SER C 36 -22.04 -24.03 13.61
N PHE C 37 -20.97 -24.19 12.85
CA PHE C 37 -19.89 -25.11 13.25
C PHE C 37 -19.30 -24.63 14.57
N ASP C 38 -19.31 -23.33 14.78
CA ASP C 38 -18.86 -22.72 16.04
C ASP C 38 -19.61 -23.16 17.30
N LEU C 39 -20.92 -23.28 17.18
CA LEU C 39 -21.77 -23.70 18.28
C LEU C 39 -21.50 -25.16 18.55
N LEU C 40 -21.31 -25.94 17.49
CA LEU C 40 -20.98 -27.35 17.66
C LEU C 40 -19.67 -27.46 18.44
N LEU C 41 -18.62 -26.77 17.96
CA LEU C 41 -17.31 -26.80 18.56
C LEU C 41 -17.20 -26.22 19.95
N SER C 42 -18.13 -25.34 20.32
CA SER C 42 -18.24 -24.79 21.69
C SER C 42 -18.94 -25.73 22.67
N SER C 43 -19.55 -26.79 22.16
CA SER C 43 -20.36 -27.63 23.00
C SER C 43 -19.58 -28.86 23.44
N LYS C 44 -19.54 -29.11 24.74
CA LYS C 44 -18.88 -30.31 25.26
C LYS C 44 -19.51 -31.57 24.66
N ASN C 45 -20.84 -31.62 24.67
CA ASN C 45 -21.61 -32.73 24.06
C ASN C 45 -21.51 -32.78 22.55
N GLY C 46 -21.53 -31.61 21.91
CA GLY C 46 -21.37 -31.50 20.47
C GLY C 46 -20.06 -32.07 20.00
N VAL C 47 -18.98 -31.62 20.63
CA VAL C 47 -17.64 -32.04 20.25
C VAL C 47 -17.48 -33.53 20.49
N ALA C 48 -18.05 -34.01 21.59
CA ALA C 48 -18.07 -35.46 21.88
C ALA C 48 -18.83 -36.23 20.82
N ALA C 49 -19.95 -35.69 20.37
CA ALA C 49 -20.78 -36.35 19.35
C ALA C 49 -20.08 -36.33 18.01
N PHE C 50 -19.51 -35.18 17.67
CA PHE C 50 -18.77 -35.04 16.42
C PHE C 50 -17.54 -35.93 16.38
N HIS C 51 -16.87 -36.03 17.51
CA HIS C 51 -15.69 -36.88 17.58
C HIS C 51 -16.03 -38.32 17.31
N ALA C 52 -17.05 -38.81 17.98
CA ALA C 52 -17.55 -40.17 17.75
C ALA C 52 -17.92 -40.40 16.27
N PHE C 53 -18.60 -39.43 15.65
CA PHE C 53 -18.90 -39.52 14.21
C PHE C 53 -17.62 -39.58 13.36
N LEU C 54 -16.68 -38.69 13.63
CA LEU C 54 -15.45 -38.61 12.86
C LEU C 54 -14.63 -39.91 12.96
N LYS C 55 -14.70 -40.62 14.08
CA LYS C 55 -14.04 -41.93 14.19
C LYS C 55 -14.57 -42.85 13.09
N THR C 56 -15.88 -42.81 12.84
CA THR C 56 -16.52 -43.66 11.83
C THR C 56 -15.95 -43.35 10.46
N GLU C 57 -15.57 -42.10 10.24
CA GLU C 57 -15.01 -41.66 8.97
C GLU C 57 -13.49 -41.65 8.96
N PHE C 58 -12.87 -42.18 10.02
CA PHE C 58 -11.44 -42.23 10.19
C PHE C 58 -10.76 -40.87 10.06
N SER C 59 -11.42 -39.83 10.58
CA SER C 59 -10.89 -38.46 10.46
C SER C 59 -10.82 -37.74 11.78
N GLU C 60 -10.95 -38.45 12.89
CA GLU C 60 -11.07 -37.81 14.20
C GLU C 60 -9.81 -37.06 14.65
N GLU C 61 -8.68 -37.34 13.99
CA GLU C 61 -7.44 -36.64 14.28
C GLU C 61 -7.54 -35.16 14.03
N ASN C 62 -8.42 -34.74 13.14
CA ASN C 62 -8.60 -33.33 12.88
C ASN C 62 -9.17 -32.62 14.09
N LEU C 63 -10.14 -33.23 14.73
CA LEU C 63 -10.82 -32.65 15.88
C LEU C 63 -9.94 -32.74 17.09
N GLU C 64 -9.32 -33.90 17.33
CA GLU C 64 -8.31 -34.03 18.38
C GLU C 64 -7.22 -32.96 18.30
N PHE C 65 -6.74 -32.68 17.10
CA PHE C 65 -5.86 -31.53 16.91
C PHE C 65 -6.46 -30.20 17.28
N TRP C 66 -7.62 -29.85 16.71
CA TRP C 66 -8.24 -28.61 17.00
C TRP C 66 -8.42 -28.37 18.50
N LEU C 67 -8.90 -29.39 19.21
CA LEU C 67 -9.18 -29.31 20.62
C LEU C 67 -7.87 -29.16 21.41
N ALA C 68 -6.83 -29.90 21.01
CA ALA C 68 -5.47 -29.71 21.58
C ALA C 68 -4.99 -28.27 21.43
N CYS C 69 -5.26 -27.66 20.27
CA CYS C 69 -4.92 -26.25 20.07
C CYS C 69 -5.68 -25.31 21.03
N GLU C 70 -6.95 -25.61 21.24
CA GLU C 70 -7.81 -24.83 22.14
C GLU C 70 -7.31 -24.81 23.55
N GLU C 71 -6.88 -25.98 24.05
CA GLU C 71 -6.31 -26.09 25.40
C GLU C 71 -4.93 -25.40 25.51
N PHE C 72 -4.10 -25.62 24.51
CA PHE C 72 -2.78 -25.00 24.38
C PHE C 72 -2.78 -23.49 24.48
N LYS C 73 -3.69 -22.88 23.78
CA LYS C 73 -3.67 -21.45 23.73
C LYS C 73 -4.08 -20.78 25.09
N LYS C 74 -4.49 -21.57 26.07
CA LYS C 74 -4.83 -21.05 27.39
C LYS C 74 -3.62 -21.00 28.31
N ILE C 75 -2.52 -21.65 27.88
CA ILE C 75 -1.33 -21.87 28.68
C ILE C 75 -0.53 -20.57 28.72
N ARG C 76 -0.17 -20.13 29.91
CA ARG C 76 0.50 -18.83 30.04
C ARG C 76 2.02 -18.94 30.27
N SER C 77 2.48 -20.02 30.89
CA SER C 77 3.91 -20.17 31.16
C SER C 77 4.70 -20.40 29.88
N ALA C 78 5.86 -19.74 29.78
CA ALA C 78 6.69 -19.89 28.60
C ALA C 78 7.19 -21.31 28.47
N THR C 79 7.64 -21.90 29.57
CA THR C 79 8.17 -23.29 29.48
C THR C 79 7.10 -24.33 29.19
N LYS C 80 5.90 -24.12 29.74
CA LYS C 80 4.79 -25.04 29.51
C LYS C 80 4.24 -24.91 28.10
N LEU C 81 4.29 -23.71 27.50
CA LEU C 81 3.96 -23.51 26.14
C LEU C 81 4.91 -24.29 25.24
N ALA C 82 6.21 -24.18 25.47
CA ALA C 82 7.19 -24.92 24.66
C ALA C 82 7.08 -26.41 24.78
N SER C 83 6.84 -26.93 25.99
CA SER C 83 6.79 -28.37 26.20
C SER C 83 5.51 -28.87 25.55
N ARG C 84 4.38 -28.24 25.81
CA ARG C 84 3.15 -28.60 25.05
C ARG C 84 3.19 -28.42 23.53
N ALA C 85 3.76 -27.32 23.00
CA ALA C 85 3.92 -27.19 21.58
C ALA C 85 4.72 -28.30 20.94
N HIS C 86 5.83 -28.67 21.55
CA HIS C 86 6.60 -29.82 21.02
C HIS C 86 5.76 -31.08 20.95
N GLN C 87 4.96 -31.33 22.02
CA GLN C 87 4.12 -32.54 22.04
C GLN C 87 3.12 -32.54 20.93
N ILE C 88 2.44 -31.42 20.74
CA ILE C 88 1.38 -31.25 19.67
C ILE C 88 1.96 -31.38 18.26
N PHE C 89 3.12 -30.79 18.05
CA PHE C 89 3.85 -30.90 16.80
C PHE C 89 4.16 -32.33 16.48
N GLU C 90 4.77 -33.05 17.42
CA GLU C 90 5.15 -34.44 17.20
C GLU C 90 3.96 -35.42 17.04
N GLU C 91 2.83 -35.13 17.64
CA GLU C 91 1.62 -35.96 17.50
C GLU C 91 0.80 -35.69 16.22
N PHE C 92 0.68 -34.43 15.77
CA PHE C 92 -0.24 -34.06 14.68
C PHE C 92 0.37 -33.41 13.48
N ILE C 93 1.56 -32.83 13.60
CA ILE C 93 2.02 -31.89 12.56
C ILE C 93 3.21 -32.44 11.80
N CYS C 94 4.15 -33.08 12.47
CA CYS C 94 5.35 -33.44 11.70
C CYS C 94 5.06 -34.54 10.66
N SER C 95 5.87 -34.60 9.61
CA SER C 95 5.74 -35.71 8.70
C SER C 95 5.81 -37.07 9.40
N GLU C 96 4.90 -37.97 9.02
CA GLU C 96 4.73 -39.27 9.66
C GLU C 96 4.34 -39.19 11.14
N ALA C 97 3.79 -38.06 11.60
CA ALA C 97 3.26 -37.97 12.96
C ALA C 97 2.23 -39.08 13.18
N PRO C 98 2.13 -39.61 14.40
CA PRO C 98 1.13 -40.66 14.58
C PRO C 98 -0.31 -40.22 14.27
N LYS C 99 -0.63 -38.93 14.37
CA LYS C 99 -1.99 -38.46 14.03
C LYS C 99 -1.93 -37.26 13.07
N GLU C 100 -1.12 -37.42 12.04
CA GLU C 100 -0.73 -36.32 11.20
C GLU C 100 -1.98 -35.85 10.48
N VAL C 101 -2.16 -34.54 10.53
CA VAL C 101 -3.26 -33.85 9.89
C VAL C 101 -2.86 -33.41 8.48
N ASN C 102 -3.85 -33.28 7.61
CA ASN C 102 -3.61 -33.12 6.24
C ASN C 102 -3.35 -31.63 6.05
N ILE C 103 -2.11 -31.19 6.17
CA ILE C 103 -1.74 -29.78 5.92
C ILE C 103 -0.57 -29.73 4.95
N ASP C 104 -0.43 -28.57 4.30
CA ASP C 104 0.64 -28.37 3.33
C ASP C 104 2.02 -28.08 3.91
N HIS C 105 3.04 -28.17 3.05
CA HIS C 105 4.41 -28.01 3.54
C HIS C 105 4.61 -26.62 4.17
N GLU C 106 3.97 -25.61 3.59
CA GLU C 106 4.10 -24.26 4.08
C GLU C 106 3.61 -24.10 5.51
N THR C 107 2.43 -24.63 5.79
CA THR C 107 1.86 -24.61 7.14
C THR C 107 2.69 -25.44 8.09
N ARG C 108 3.26 -26.54 7.61
CA ARG C 108 3.99 -27.40 8.50
C ARG C 108 5.30 -26.73 8.90
N GLU C 109 5.93 -26.13 7.91
CA GLU C 109 7.18 -25.39 8.13
C GLU C 109 7.00 -24.14 8.98
N LEU C 110 5.90 -23.40 8.77
CA LEU C 110 5.61 -22.28 9.61
C LEU C 110 5.43 -22.71 11.09
N THR C 111 4.67 -23.77 11.31
CA THR C 111 4.48 -24.32 12.66
C THR C 111 5.82 -24.72 13.31
N ARG C 112 6.63 -25.49 12.58
CA ARG C 112 7.97 -25.87 13.06
C ARG C 112 8.81 -24.69 13.49
N MET C 113 8.76 -23.59 12.75
CA MET C 113 9.54 -22.43 13.08
C MET C 113 8.99 -21.65 14.27
N ASN C 114 7.67 -21.62 14.39
CA ASN C 114 6.98 -21.04 15.57
C ASN C 114 7.40 -21.75 16.87
N LEU C 115 7.82 -23.01 16.72
CA LEU C 115 8.28 -23.80 17.89
C LEU C 115 9.59 -23.25 18.52
N GLN C 116 10.30 -22.39 17.78
CA GLN C 116 11.51 -21.76 18.30
C GLN C 116 11.23 -20.97 19.54
N THR C 117 10.14 -20.23 19.55
CA THR C 117 9.76 -19.53 20.78
C THR C 117 8.25 -19.62 20.88
N ALA C 118 7.78 -20.79 21.28
CA ALA C 118 6.36 -21.13 21.21
C ALA C 118 5.54 -20.16 22.02
N THR C 119 4.59 -19.52 21.35
CA THR C 119 3.65 -18.63 22.01
C THR C 119 2.29 -19.24 21.78
N ALA C 120 1.25 -18.59 22.30
CA ALA C 120 -0.10 -19.12 22.20
C ALA C 120 -0.71 -19.16 20.77
N THR C 121 -0.08 -18.47 19.83
CA THR C 121 -0.49 -18.44 18.43
C THR C 121 0.34 -19.41 17.54
N CYS C 122 1.16 -20.24 18.17
CA CYS C 122 2.04 -21.20 17.49
C CYS C 122 1.31 -22.04 16.42
N PHE C 123 0.08 -22.47 16.74
CA PHE C 123 -0.70 -23.32 15.84
C PHE C 123 -1.89 -22.63 15.13
N ASP C 124 -1.95 -21.30 15.18
CA ASP C 124 -3.09 -20.63 14.59
C ASP C 124 -3.29 -21.05 13.13
N ALA C 125 -2.23 -21.01 12.34
CA ALA C 125 -2.35 -21.31 10.90
C ALA C 125 -2.81 -22.74 10.65
N ALA C 126 -2.19 -23.70 11.30
CA ALA C 126 -2.55 -25.10 11.18
C ALA C 126 -4.00 -25.36 11.70
N GLN C 127 -4.34 -24.79 12.86
CA GLN C 127 -5.67 -24.94 13.39
C GLN C 127 -6.73 -24.43 12.42
N GLY C 128 -6.46 -23.29 11.80
CA GLY C 128 -7.39 -22.68 10.85
C GLY C 128 -7.61 -23.60 9.64
N LYS C 129 -6.54 -24.25 9.20
CA LYS C 129 -6.62 -25.13 8.06
C LYS C 129 -7.49 -26.33 8.45
N THR C 130 -7.23 -26.81 9.64
CA THR C 130 -7.89 -28.02 10.12
C THR C 130 -9.39 -27.79 10.32
N ARG C 131 -9.75 -26.63 10.88
CA ARG C 131 -11.15 -26.29 11.02
CA ARG C 131 -11.15 -26.27 11.01
C ARG C 131 -11.87 -26.35 9.67
N THR C 132 -11.27 -25.77 8.63
CA THR C 132 -11.82 -25.81 7.29
C THR C 132 -11.94 -27.20 6.73
N LEU C 133 -10.94 -28.04 6.93
CA LEU C 133 -11.04 -29.44 6.59
C LEU C 133 -12.34 -30.05 7.12
N MET C 134 -12.62 -29.82 8.41
CA MET C 134 -13.81 -30.40 9.07
C MET C 134 -15.09 -29.70 8.63
N GLU C 135 -15.06 -28.36 8.58
CA GLU C 135 -16.23 -27.59 8.26
C GLU C 135 -16.75 -27.85 6.86
N LYS C 136 -15.85 -28.07 5.90
CA LYS C 136 -16.26 -28.25 4.50
C LYS C 136 -16.88 -29.60 4.24
N ASP C 137 -16.32 -30.60 4.92
CA ASP C 137 -16.51 -31.97 4.55
C ASP C 137 -17.38 -32.66 5.59
N SER C 138 -16.81 -32.84 6.77
CA SER C 138 -17.37 -33.73 7.76
C SER C 138 -18.58 -33.17 8.47
N TYR C 139 -18.61 -31.84 8.61
CA TYR C 139 -19.63 -31.17 9.42
C TYR C 139 -21.01 -31.27 8.79
N PRO C 140 -21.13 -30.95 7.47
CA PRO C 140 -22.38 -31.20 6.74
C PRO C 140 -22.86 -32.66 6.74
N ARG C 141 -21.95 -33.60 6.66
CA ARG C 141 -22.30 -35.00 6.72
C ARG C 141 -22.70 -35.44 8.14
N PHE C 142 -22.07 -34.87 9.16
CA PHE C 142 -22.49 -35.13 10.55
C PHE C 142 -23.98 -34.76 10.70
N LEU C 143 -24.34 -33.59 10.21
CA LEU C 143 -25.69 -33.11 10.32
C LEU C 143 -26.70 -33.95 9.56
N LYS C 144 -26.27 -34.70 8.55
CA LYS C 144 -27.21 -35.59 7.82
C LYS C 144 -27.24 -37.02 8.38
N SER C 145 -26.41 -37.27 9.39
CA SER C 145 -26.33 -38.56 9.99
C SER C 145 -27.66 -38.90 10.65
N PRO C 146 -28.07 -40.18 10.59
CA PRO C 146 -29.27 -40.64 11.27
C PRO C 146 -29.27 -40.23 12.73
N ALA C 147 -28.11 -40.33 13.38
CA ALA C 147 -28.00 -39.95 14.79
C ALA C 147 -28.31 -38.48 15.02
N TYR C 148 -27.71 -37.59 14.23
CA TYR C 148 -28.01 -36.16 14.42
C TYR C 148 -29.46 -35.87 14.14
N ARG C 149 -29.97 -36.46 13.06
CA ARG C 149 -31.37 -36.33 12.73
C ARG C 149 -32.29 -36.80 13.86
N ASP C 150 -31.93 -37.88 14.55
CA ASP C 150 -32.73 -38.38 15.68
C ASP C 150 -32.66 -37.41 16.86
N LEU C 151 -31.45 -36.99 17.20
CA LEU C 151 -31.25 -36.07 18.31
C LEU C 151 -31.96 -34.73 18.06
N ALA C 152 -31.92 -34.23 16.83
CA ALA C 152 -32.63 -33.00 16.44
C ALA C 152 -34.14 -33.13 16.55
N ALA C 153 -34.67 -34.30 16.19
CA ALA C 153 -36.08 -34.57 16.31
C ALA C 153 -36.49 -34.48 17.75
N GLN C 154 -35.67 -35.03 18.63
CA GLN C 154 -35.95 -34.97 20.06
C GLN C 154 -35.89 -33.53 20.54
N ALA C 155 -34.86 -32.81 20.13
CA ALA C 155 -34.67 -31.44 20.53
C ALA C 155 -35.88 -30.62 20.09
N SER C 156 -36.32 -30.82 18.86
CA SER C 156 -37.46 -30.06 18.31
C SER C 156 -38.74 -30.40 19.04
N ALA C 157 -38.91 -31.68 19.38
CA ALA C 157 -39.95 -32.13 20.27
C ALA C 157 -39.60 -31.64 21.67
N LEU D 18 -42.12 24.22 10.22
CA LEU D 18 -40.83 23.93 9.51
C LEU D 18 -41.01 23.02 8.30
N TYR D 19 -42.00 22.12 8.36
CA TYR D 19 -42.30 21.27 7.21
C TYR D 19 -42.82 22.10 6.05
N PHE D 20 -43.84 22.93 6.30
CA PHE D 20 -44.36 23.77 5.24
C PHE D 20 -43.21 24.54 4.56
N GLN D 21 -42.29 25.07 5.37
CA GLN D 21 -41.19 25.89 4.84
C GLN D 21 -40.21 25.06 4.00
N SER D 22 -39.89 23.86 4.50
CA SER D 22 -38.98 22.92 3.80
C SER D 22 -39.67 22.31 2.58
N MET D 23 -40.99 22.24 2.60
CA MET D 23 -41.73 21.84 1.41
C MET D 23 -41.63 22.92 0.35
N ARG D 24 -41.90 24.17 0.75
CA ARG D 24 -41.83 25.31 -0.17
C ARG D 24 -40.43 25.42 -0.78
N ASN D 25 -39.43 25.10 0.04
CA ASN D 25 -38.04 25.12 -0.39
C ASN D 25 -37.75 24.10 -1.45
N PHE D 26 -38.20 22.85 -1.25
CA PHE D 26 -38.00 21.81 -2.23
C PHE D 26 -38.70 22.19 -3.54
N SER D 27 -40.00 22.43 -3.47
CA SER D 27 -40.77 22.81 -4.66
C SER D 27 -40.06 23.92 -5.43
N GLU D 28 -39.70 25.00 -4.73
CA GLU D 28 -39.19 26.22 -5.37
C GLU D 28 -37.74 26.06 -5.85
N ASP D 29 -36.98 25.21 -5.17
CA ASP D 29 -35.59 24.92 -5.53
C ASP D 29 -35.56 24.13 -6.84
N VAL D 30 -36.29 23.02 -6.88
CA VAL D 30 -36.31 22.11 -8.04
C VAL D 30 -36.86 22.82 -9.29
N LEU D 31 -37.90 23.62 -9.10
CA LEU D 31 -38.54 24.37 -10.20
C LEU D 31 -37.69 25.56 -10.66
N GLY D 32 -36.96 26.18 -9.71
CA GLY D 32 -35.91 27.16 -10.05
C GLY D 32 -34.85 26.62 -11.03
N TRP D 33 -34.51 25.34 -10.91
CA TRP D 33 -33.45 24.76 -11.76
C TRP D 33 -33.79 24.88 -13.26
N ARG D 34 -35.06 24.80 -13.59
CA ARG D 34 -35.50 24.85 -14.97
C ARG D 34 -35.57 26.30 -15.46
N GLU D 35 -35.59 27.25 -14.53
CA GLU D 35 -35.74 28.66 -14.85
C GLU D 35 -34.40 29.24 -15.32
N SER D 36 -33.31 28.79 -14.71
CA SER D 36 -31.98 29.19 -15.16
C SER D 36 -30.91 28.34 -14.51
N PHE D 37 -29.75 28.37 -15.14
CA PHE D 37 -28.58 27.59 -14.77
C PHE D 37 -27.97 28.14 -13.47
N ASP D 38 -28.00 29.46 -13.35
CA ASP D 38 -27.63 30.19 -12.12
C ASP D 38 -28.33 29.68 -10.86
N LEU D 39 -29.63 29.47 -10.96
CA LEU D 39 -30.39 28.92 -9.85
C LEU D 39 -29.99 27.47 -9.58
N LEU D 40 -29.69 26.72 -10.64
CA LEU D 40 -29.19 25.35 -10.45
C LEU D 40 -27.89 25.37 -9.73
N LEU D 41 -26.99 26.25 -10.15
CA LEU D 41 -25.62 26.32 -9.63
C LEU D 41 -25.54 26.90 -8.22
N SER D 42 -26.57 27.65 -7.86
CA SER D 42 -26.74 28.23 -6.54
C SER D 42 -27.12 27.21 -5.52
N SER D 43 -27.65 26.08 -5.96
CA SER D 43 -28.33 25.14 -5.07
C SER D 43 -27.47 23.93 -4.68
N LYS D 44 -27.51 23.60 -3.40
CA LYS D 44 -26.81 22.44 -2.90
C LYS D 44 -27.35 21.19 -3.59
N ASN D 45 -28.66 21.00 -3.50
CA ASN D 45 -29.33 19.88 -4.14
C ASN D 45 -29.23 19.92 -5.68
N GLY D 46 -29.26 21.11 -6.26
CA GLY D 46 -29.07 21.26 -7.72
C GLY D 46 -27.73 20.78 -8.26
N VAL D 47 -26.64 21.26 -7.69
CA VAL D 47 -25.32 20.85 -8.13
C VAL D 47 -25.08 19.39 -7.80
N ALA D 48 -25.61 18.88 -6.69
CA ALA D 48 -25.43 17.45 -6.40
C ALA D 48 -26.13 16.59 -7.47
N ALA D 49 -27.35 16.99 -7.82
CA ALA D 49 -28.15 16.30 -8.83
C ALA D 49 -27.48 16.36 -10.18
N PHE D 50 -27.04 17.56 -10.55
CA PHE D 50 -26.44 17.81 -11.83
C PHE D 50 -25.10 17.11 -11.95
N HIS D 51 -24.29 17.16 -10.89
CA HIS D 51 -23.08 16.39 -10.84
C HIS D 51 -23.34 14.92 -11.09
N ALA D 52 -24.30 14.30 -10.41
CA ALA D 52 -24.62 12.89 -10.61
C ALA D 52 -24.97 12.71 -12.08
N PHE D 53 -25.80 13.61 -12.60
CA PHE D 53 -26.17 13.52 -14.01
C PHE D 53 -24.94 13.58 -14.94
N LEU D 54 -24.05 14.57 -14.75
CA LEU D 54 -22.85 14.72 -15.59
C LEU D 54 -21.90 13.50 -15.53
N LYS D 55 -21.85 12.81 -14.40
CA LYS D 55 -21.07 11.58 -14.29
C LYS D 55 -21.59 10.48 -15.22
N THR D 56 -22.88 10.50 -15.51
CA THR D 56 -23.46 9.54 -16.48
C THR D 56 -23.13 9.91 -17.93
N GLU D 57 -22.67 11.15 -18.16
CA GLU D 57 -22.22 11.62 -19.46
C GLU D 57 -20.71 11.82 -19.49
N PHE D 58 -20.02 11.34 -18.42
CA PHE D 58 -18.55 11.50 -18.24
C PHE D 58 -18.06 12.91 -18.49
N SER D 59 -18.77 13.87 -17.91
CA SER D 59 -18.49 15.29 -18.13
C SER D 59 -18.44 16.08 -16.83
N GLU D 60 -18.44 15.37 -15.69
CA GLU D 60 -18.55 16.02 -14.37
C GLU D 60 -17.33 16.92 -13.98
N GLU D 61 -16.17 16.73 -14.63
CA GLU D 61 -15.00 17.62 -14.40
C GLU D 61 -15.24 19.09 -14.62
N ASN D 62 -16.07 19.43 -15.60
CA ASN D 62 -16.43 20.83 -15.79
C ASN D 62 -17.10 21.39 -14.55
N LEU D 63 -18.00 20.62 -13.96
CA LEU D 63 -18.69 21.12 -12.79
C LEU D 63 -17.77 21.16 -11.57
N GLU D 64 -17.00 20.10 -11.37
CA GLU D 64 -15.96 20.08 -10.34
C GLU D 64 -15.01 21.25 -10.43
N PHE D 65 -14.60 21.58 -11.64
CA PHE D 65 -13.73 22.72 -11.86
C PHE D 65 -14.45 24.00 -11.49
N TRP D 66 -15.66 24.19 -12.02
CA TRP D 66 -16.48 25.37 -11.62
C TRP D 66 -16.64 25.52 -10.10
N LEU D 67 -16.94 24.42 -9.40
CA LEU D 67 -17.12 24.44 -7.98
C LEU D 67 -15.79 24.80 -7.27
N ALA D 68 -14.67 24.27 -7.76
CA ALA D 68 -13.32 24.62 -7.20
C ALA D 68 -13.02 26.14 -7.30
N CYS D 69 -13.47 26.77 -8.39
CA CYS D 69 -13.22 28.18 -8.64
C CYS D 69 -14.08 29.04 -7.71
N GLU D 70 -15.27 28.53 -7.41
CA GLU D 70 -16.16 29.29 -6.52
C GLU D 70 -15.57 29.28 -5.10
N GLU D 71 -15.00 28.16 -4.66
CA GLU D 71 -14.35 28.11 -3.34
C GLU D 71 -13.07 28.95 -3.30
N PHE D 72 -12.21 28.74 -4.28
CA PHE D 72 -11.02 29.53 -4.51
C PHE D 72 -11.21 31.06 -4.37
N LYS D 73 -12.17 31.57 -5.12
CA LYS D 73 -12.53 32.98 -5.07
C LYS D 73 -12.81 33.52 -3.69
N LYS D 74 -13.20 32.66 -2.75
CA LYS D 74 -13.41 33.08 -1.38
C LYS D 74 -12.13 33.27 -0.55
N ILE D 75 -10.98 32.80 -1.01
CA ILE D 75 -9.77 32.75 -0.17
C ILE D 75 -9.10 34.07 -0.20
N ARG D 76 -8.68 34.62 0.97
CA ARG D 76 -8.16 36.01 1.03
C ARG D 76 -6.63 36.11 1.21
N SER D 77 -6.04 35.11 1.85
CA SER D 77 -4.61 35.02 2.10
C SER D 77 -3.90 34.76 0.81
N ALA D 78 -2.85 35.55 0.54
CA ALA D 78 -2.08 35.41 -0.70
C ALA D 78 -1.44 34.03 -0.86
N THR D 79 -0.87 33.49 0.20
CA THR D 79 -0.18 32.19 0.11
C THR D 79 -1.18 31.04 -0.04
N LYS D 80 -2.34 31.17 0.58
CA LYS D 80 -3.42 30.19 0.44
C LYS D 80 -4.01 30.24 -0.98
N LEU D 81 -4.13 31.47 -1.53
CA LEU D 81 -4.56 31.62 -2.92
C LEU D 81 -3.54 30.94 -3.84
N ALA D 82 -2.25 31.20 -3.61
CA ALA D 82 -1.17 30.63 -4.43
C ALA D 82 -1.17 29.10 -4.40
N SER D 83 -1.26 28.53 -3.21
CA SER D 83 -1.27 27.08 -3.07
C SER D 83 -2.48 26.47 -3.75
N ARG D 84 -3.66 27.01 -3.47
CA ARG D 84 -4.89 26.51 -4.10
CA ARG D 84 -4.89 26.49 -4.08
C ARG D 84 -4.88 26.68 -5.59
N ALA D 85 -4.32 27.79 -6.08
CA ALA D 85 -4.29 28.05 -7.54
C ALA D 85 -3.45 26.98 -8.29
N HIS D 86 -2.30 26.64 -7.72
CA HIS D 86 -1.44 25.60 -8.28
C HIS D 86 -2.12 24.24 -8.28
N GLN D 87 -2.80 23.94 -7.19
CA GLN D 87 -3.66 22.75 -7.11
C GLN D 87 -4.69 22.65 -8.20
N ILE D 88 -5.43 23.73 -8.41
CA ILE D 88 -6.48 23.75 -9.43
C ILE D 88 -5.94 23.64 -10.84
N PHE D 89 -4.88 24.39 -11.12
CA PHE D 89 -4.21 24.36 -12.39
C PHE D 89 -3.75 22.99 -12.74
N GLU D 90 -3.08 22.30 -11.81
CA GLU D 90 -2.58 20.94 -12.04
C GLU D 90 -3.66 19.89 -12.25
N GLU D 91 -4.77 20.05 -11.57
CA GLU D 91 -5.91 19.10 -11.66
C GLU D 91 -6.77 19.32 -12.88
N PHE D 92 -7.02 20.60 -13.20
CA PHE D 92 -8.00 20.95 -14.22
C PHE D 92 -7.51 21.63 -15.47
N ILE D 93 -6.34 22.26 -15.43
CA ILE D 93 -6.06 23.27 -16.49
C ILE D 93 -4.96 22.81 -17.43
N CYS D 94 -3.88 22.32 -16.85
CA CYS D 94 -2.72 22.02 -17.70
CA CYS D 94 -2.68 21.89 -17.56
C CYS D 94 -3.00 20.82 -18.58
N SER D 95 -2.22 20.76 -19.66
CA SER D 95 -2.33 19.69 -20.65
C SER D 95 -2.04 18.37 -19.92
N GLU D 96 -2.85 17.36 -20.23
CA GLU D 96 -2.81 16.04 -19.61
C GLU D 96 -3.18 16.08 -18.13
N ALA D 97 -3.73 17.19 -17.65
CA ALA D 97 -4.23 17.25 -16.28
C ALA D 97 -5.24 16.11 -16.08
N PRO D 98 -5.31 15.53 -14.87
CA PRO D 98 -6.27 14.42 -14.62
C PRO D 98 -7.75 14.76 -14.87
N LYS D 99 -8.17 15.99 -14.61
CA LYS D 99 -9.54 16.40 -14.91
C LYS D 99 -9.56 17.56 -15.88
N GLU D 100 -8.77 17.43 -16.94
CA GLU D 100 -8.50 18.58 -17.82
C GLU D 100 -9.79 19.01 -18.47
N VAL D 101 -10.07 20.29 -18.43
CA VAL D 101 -11.30 20.83 -19.02
C VAL D 101 -11.05 21.28 -20.44
N ASN D 102 -12.11 21.29 -21.25
CA ASN D 102 -11.92 21.54 -22.67
C ASN D 102 -11.81 23.05 -22.93
N ILE D 103 -10.61 23.60 -22.80
CA ILE D 103 -10.38 25.02 -23.11
C ILE D 103 -9.25 25.23 -24.15
N ASP D 104 -9.25 26.39 -24.82
CA ASP D 104 -8.24 26.63 -25.84
C ASP D 104 -6.89 27.02 -25.25
N HIS D 105 -5.88 27.03 -26.11
CA HIS D 105 -4.51 27.33 -25.70
C HIS D 105 -4.45 28.73 -25.10
N GLU D 106 -5.19 29.67 -25.70
CA GLU D 106 -5.22 31.08 -25.22
C GLU D 106 -5.63 31.20 -23.75
N THR D 107 -6.77 30.59 -23.44
CA THR D 107 -7.33 30.60 -22.11
C THR D 107 -6.42 29.85 -21.15
N ARG D 108 -5.78 28.77 -21.62
CA ARG D 108 -4.86 28.03 -20.75
C ARG D 108 -3.60 28.84 -20.46
N GLU D 109 -3.04 29.51 -21.46
CA GLU D 109 -1.85 30.35 -21.23
C GLU D 109 -2.16 31.61 -20.43
N LEU D 110 -3.31 32.22 -20.68
CA LEU D 110 -3.77 33.33 -19.82
C LEU D 110 -3.89 32.90 -18.38
N THR D 111 -4.42 31.70 -18.16
CA THR D 111 -4.57 31.18 -16.81
C THR D 111 -3.19 30.92 -16.19
N ARG D 112 -2.26 30.40 -16.97
CA ARG D 112 -0.89 30.22 -16.44
C ARG D 112 -0.24 31.57 -16.14
N MET D 113 -0.62 32.61 -16.87
CA MET D 113 -0.07 33.95 -16.59
C MET D 113 -0.59 34.45 -15.23
N ASN D 114 -1.91 34.38 -15.06
CA ASN D 114 -2.57 34.74 -13.81
C ASN D 114 -1.97 33.98 -12.62
N LEU D 115 -1.55 32.75 -12.86
CA LEU D 115 -1.00 31.87 -11.81
C LEU D 115 0.26 32.36 -11.12
N GLN D 116 1.01 33.23 -11.80
CA GLN D 116 2.24 33.85 -11.27
C GLN D 116 1.95 34.77 -10.09
N THR D 117 0.77 35.38 -10.08
CA THR D 117 0.33 36.26 -8.99
C THR D 117 -0.98 35.81 -8.31
N ALA D 118 -1.51 34.66 -8.72
CA ALA D 118 -2.73 34.08 -8.17
C ALA D 118 -3.54 34.98 -7.21
N THR D 119 -4.40 35.79 -7.79
CA THR D 119 -5.36 36.54 -7.03
C THR D 119 -6.63 35.78 -7.24
N ALA D 120 -7.68 36.25 -6.59
CA ALA D 120 -8.98 35.62 -6.62
C ALA D 120 -9.60 35.55 -7.99
N THR D 121 -9.11 36.37 -8.93
CA THR D 121 -9.61 36.38 -10.33
C THR D 121 -8.83 35.48 -11.31
N CYS D 122 -7.89 34.71 -10.78
CA CYS D 122 -7.02 33.87 -11.60
C CYS D 122 -7.74 33.00 -12.65
N PHE D 123 -8.84 32.35 -12.25
CA PHE D 123 -9.58 31.39 -13.12
C PHE D 123 -10.84 31.93 -13.79
N ASP D 124 -11.05 33.23 -13.72
CA ASP D 124 -12.29 33.81 -14.27
C ASP D 124 -12.56 33.44 -15.75
N ALA D 125 -11.54 33.55 -16.60
CA ALA D 125 -11.73 33.29 -18.05
C ALA D 125 -12.09 31.85 -18.27
N ALA D 126 -11.29 30.98 -17.67
CA ALA D 126 -11.53 29.55 -17.72
C ALA D 126 -12.85 29.19 -17.09
N GLN D 127 -13.10 29.68 -15.88
CA GLN D 127 -14.41 29.38 -15.26
C GLN D 127 -15.61 29.71 -16.21
N GLY D 128 -15.57 30.87 -16.87
CA GLY D 128 -16.61 31.30 -17.82
C GLY D 128 -16.73 30.44 -19.09
N LYS D 129 -15.59 29.93 -19.57
CA LYS D 129 -15.59 29.03 -20.69
C LYS D 129 -16.22 27.72 -20.24
N THR D 130 -15.95 27.34 -19.00
CA THR D 130 -16.48 26.08 -18.49
C THR D 130 -17.99 26.17 -18.22
N ARG D 131 -18.42 27.27 -17.65
CA ARG D 131 -19.84 27.50 -17.46
C ARG D 131 -20.58 27.23 -18.81
N THR D 132 -20.15 27.91 -19.87
CA THR D 132 -20.75 27.81 -21.19
C THR D 132 -20.74 26.40 -21.76
N LEU D 133 -19.64 25.66 -21.62
CA LEU D 133 -19.60 24.23 -21.97
C LEU D 133 -20.83 23.56 -21.37
N MET D 134 -21.11 23.82 -20.09
CA MET D 134 -22.14 23.08 -19.38
C MET D 134 -23.50 23.59 -19.77
N GLU D 135 -23.63 24.92 -19.82
CA GLU D 135 -24.92 25.58 -20.03
C GLU D 135 -25.51 25.36 -21.40
N LYS D 136 -24.67 25.32 -22.42
CA LYS D 136 -25.12 25.14 -23.80
C LYS D 136 -25.40 23.67 -24.12
N ASP D 137 -24.78 22.75 -23.40
CA ASP D 137 -24.84 21.34 -23.75
C ASP D 137 -25.64 20.54 -22.70
N SER D 138 -25.00 20.25 -21.58
CA SER D 138 -25.48 19.22 -20.66
C SER D 138 -26.58 19.68 -19.74
N TYR D 139 -26.65 20.98 -19.54
CA TYR D 139 -27.72 21.56 -18.71
C TYR D 139 -29.13 21.33 -19.27
N PRO D 140 -29.39 21.70 -20.55
CA PRO D 140 -30.68 21.35 -21.16
C PRO D 140 -31.03 19.85 -21.13
N ARG D 141 -30.02 19.00 -21.33
CA ARG D 141 -30.24 17.56 -21.34
C ARG D 141 -30.57 17.04 -19.93
N PHE D 142 -29.95 17.65 -18.93
CA PHE D 142 -30.29 17.40 -17.54
C PHE D 142 -31.79 17.66 -17.27
N LEU D 143 -32.27 18.80 -17.75
CA LEU D 143 -33.67 19.17 -17.54
C LEU D 143 -34.61 18.21 -18.28
N LYS D 144 -34.11 17.59 -19.34
CA LYS D 144 -34.89 16.64 -20.08
C LYS D 144 -34.88 15.26 -19.43
N SER D 145 -34.04 15.03 -18.42
CA SER D 145 -33.89 13.70 -17.87
C SER D 145 -35.15 13.26 -17.10
N PRO D 146 -35.48 11.95 -17.19
CA PRO D 146 -36.53 11.34 -16.39
C PRO D 146 -36.43 11.73 -14.93
N ALA D 147 -35.20 11.71 -14.38
CA ALA D 147 -34.95 12.06 -12.99
C ALA D 147 -35.44 13.47 -12.70
N TYR D 148 -35.00 14.43 -13.52
CA TYR D 148 -35.47 15.80 -13.34
C TYR D 148 -36.98 15.91 -13.47
N ARG D 149 -37.53 15.35 -14.53
CA ARG D 149 -38.96 15.44 -14.81
C ARG D 149 -39.80 14.95 -13.62
N ASP D 150 -39.48 13.75 -13.13
CA ASP D 150 -40.09 13.21 -11.92
C ASP D 150 -39.93 14.18 -10.74
N LEU D 151 -38.75 14.79 -10.64
CA LEU D 151 -38.48 15.74 -9.56
C LEU D 151 -39.35 16.97 -9.68
N ALA D 152 -39.43 17.55 -10.88
CA ALA D 152 -40.30 18.74 -11.11
C ALA D 152 -41.79 18.45 -10.89
N ALA D 153 -42.23 17.25 -11.25
CA ALA D 153 -43.63 16.84 -11.05
C ALA D 153 -43.98 16.74 -9.56
N GLN D 154 -43.07 16.16 -8.77
CA GLN D 154 -43.17 16.24 -7.31
C GLN D 154 -43.32 17.69 -6.86
N ALA D 155 -42.45 18.54 -7.40
CA ALA D 155 -42.39 19.95 -7.03
C ALA D 155 -43.68 20.68 -7.40
N SER D 156 -44.21 20.42 -8.59
CA SER D 156 -45.50 21.00 -8.99
C SER D 156 -46.58 20.59 -8.01
N ALA D 157 -46.55 19.31 -7.59
CA ALA D 157 -47.50 18.75 -6.62
C ALA D 157 -47.53 19.48 -5.25
N ALA D 158 -46.50 20.27 -4.94
CA ALA D 158 -46.55 21.23 -3.84
C ALA D 158 -46.35 22.66 -4.36
N GLU E 16 50.92 23.54 1.94
CA GLU E 16 52.12 24.39 1.67
C GLU E 16 51.71 25.88 1.62
N ASN E 17 52.00 26.56 0.49
CA ASN E 17 51.41 27.86 0.18
C ASN E 17 50.15 27.65 -0.68
N LEU E 18 49.43 28.74 -0.97
CA LEU E 18 48.14 28.67 -1.64
C LEU E 18 48.18 28.06 -3.04
N TYR E 19 49.24 28.33 -3.83
CA TYR E 19 49.38 27.71 -5.14
C TYR E 19 49.35 26.20 -5.02
N PHE E 20 50.16 25.66 -4.11
CA PHE E 20 50.32 24.21 -3.96
C PHE E 20 49.05 23.52 -3.50
N GLN E 21 48.36 24.14 -2.54
CA GLN E 21 47.12 23.58 -2.04
C GLN E 21 46.04 23.60 -3.10
N SER E 22 45.84 24.77 -3.71
CA SER E 22 44.80 24.96 -4.71
C SER E 22 44.98 24.10 -5.96
N MET E 23 46.22 23.76 -6.28
CA MET E 23 46.49 22.85 -7.40
C MET E 23 46.13 21.42 -7.04
N ARG E 24 46.49 21.02 -5.82
CA ARG E 24 46.11 19.72 -5.29
C ARG E 24 44.59 19.60 -5.31
N ASN E 25 43.88 20.58 -4.73
CA ASN E 25 42.39 20.63 -4.74
C ASN E 25 41.79 20.51 -6.12
N PHE E 26 42.36 21.26 -7.05
CA PHE E 26 41.94 21.24 -8.45
C PHE E 26 42.12 19.85 -9.06
N SER E 27 43.36 19.37 -9.02
CA SER E 27 43.73 18.05 -9.47
C SER E 27 42.83 16.93 -8.90
N GLU E 28 42.59 16.95 -7.59
CA GLU E 28 41.92 15.84 -6.92
C GLU E 28 40.44 15.88 -7.28
N ASP E 29 39.93 17.10 -7.47
CA ASP E 29 38.54 17.34 -7.87
C ASP E 29 38.34 16.78 -9.27
N VAL E 30 39.15 17.25 -10.20
CA VAL E 30 38.95 16.98 -11.63
C VAL E 30 39.07 15.48 -11.97
N LEU E 31 40.09 14.86 -11.41
CA LEU E 31 40.34 13.46 -11.69
C LEU E 31 39.25 12.59 -11.05
N GLY E 32 38.72 13.06 -9.92
CA GLY E 32 37.56 12.45 -9.27
C GLY E 32 36.35 12.30 -10.18
N TRP E 33 36.07 13.31 -11.01
CA TRP E 33 34.94 13.26 -11.94
C TRP E 33 34.99 12.04 -12.88
N ARG E 34 36.17 11.50 -13.14
CA ARG E 34 36.34 10.40 -14.06
C ARG E 34 36.20 9.07 -13.34
N GLU E 35 36.09 9.13 -12.01
CA GLU E 35 36.09 7.93 -11.19
C GLU E 35 34.65 7.52 -10.90
N SER E 36 33.76 8.52 -10.78
CA SER E 36 32.35 8.25 -10.55
C SER E 36 31.47 9.49 -10.85
N PHE E 37 30.26 9.21 -11.34
CA PHE E 37 29.26 10.27 -11.54
C PHE E 37 28.91 10.94 -10.22
N ASP E 38 28.96 10.18 -9.13
CA ASP E 38 28.66 10.71 -7.82
C ASP E 38 29.66 11.80 -7.46
N LEU E 39 30.93 11.55 -7.77
CA LEU E 39 31.98 12.52 -7.45
C LEU E 39 31.81 13.80 -8.28
N LEU E 40 31.53 13.62 -9.57
CA LEU E 40 31.22 14.74 -10.45
C LEU E 40 30.05 15.51 -9.87
N LEU E 41 28.93 14.82 -9.62
CA LEU E 41 27.70 15.49 -9.13
C LEU E 41 27.86 16.13 -7.74
N SER E 42 28.84 15.65 -6.96
CA SER E 42 29.10 16.12 -5.61
C SER E 42 29.88 17.43 -5.60
N SER E 43 30.57 17.70 -6.70
CA SER E 43 31.49 18.83 -6.79
C SER E 43 30.80 20.04 -7.37
N LYS E 44 30.99 21.21 -6.76
CA LYS E 44 30.44 22.47 -7.29
C LYS E 44 30.99 22.77 -8.68
N ASN E 45 32.28 22.50 -8.87
CA ASN E 45 32.91 22.78 -10.13
C ASN E 45 32.59 21.71 -11.15
N GLY E 46 32.33 20.49 -10.66
CA GLY E 46 31.93 19.37 -11.51
C GLY E 46 30.55 19.53 -12.14
N VAL E 47 29.58 19.96 -11.32
CA VAL E 47 28.23 20.18 -11.82
C VAL E 47 28.21 21.40 -12.74
N ALA E 48 28.95 22.43 -12.36
CA ALA E 48 29.16 23.60 -13.25
C ALA E 48 29.74 23.19 -14.61
N ALA E 49 30.77 22.34 -14.59
CA ALA E 49 31.40 21.88 -15.84
C ALA E 49 30.45 21.05 -16.73
N PHE E 50 29.73 20.13 -16.08
CA PHE E 50 28.83 19.19 -16.73
C PHE E 50 27.62 19.94 -17.26
N HIS E 51 27.17 20.92 -16.49
CA HIS E 51 26.10 21.76 -16.98
C HIS E 51 26.48 22.32 -18.32
N ALA E 52 27.70 22.85 -18.38
CA ALA E 52 28.14 23.64 -19.53
C ALA E 52 28.26 22.74 -20.77
N PHE E 53 28.68 21.51 -20.53
CA PHE E 53 28.73 20.47 -21.54
C PHE E 53 27.33 20.01 -22.01
N LEU E 54 26.39 19.86 -21.07
CA LEU E 54 25.05 19.42 -21.43
C LEU E 54 24.34 20.48 -22.26
N LYS E 55 24.65 21.75 -21.99
CA LYS E 55 24.18 22.87 -22.80
C LYS E 55 24.53 22.65 -24.25
N THR E 56 25.75 22.16 -24.51
CA THR E 56 26.21 21.89 -25.89
C THR E 56 25.47 20.71 -26.56
N GLU E 57 24.87 19.83 -25.74
CA GLU E 57 24.01 18.74 -26.22
C GLU E 57 22.53 19.01 -26.01
N PHE E 58 22.16 20.25 -25.68
CA PHE E 58 20.76 20.64 -25.51
C PHE E 58 20.01 19.72 -24.55
N SER E 59 20.67 19.39 -23.45
CA SER E 59 20.20 18.39 -22.47
C SER E 59 20.27 18.91 -21.01
N GLU E 60 20.55 20.20 -20.84
CA GLU E 60 20.91 20.71 -19.52
C GLU E 60 19.74 20.76 -18.51
N GLU E 61 18.49 20.75 -18.99
CA GLU E 61 17.28 20.68 -18.13
C GLU E 61 17.34 19.45 -17.20
N ASN E 62 17.96 18.37 -17.66
CA ASN E 62 18.11 17.22 -16.81
C ASN E 62 18.89 17.55 -15.55
N LEU E 63 20.00 18.29 -15.71
CA LEU E 63 20.86 18.59 -14.58
C LEU E 63 20.23 19.63 -13.70
N GLU E 64 19.53 20.54 -14.32
CA GLU E 64 18.87 21.55 -13.58
C GLU E 64 17.78 20.98 -12.71
N PHE E 65 17.11 19.96 -13.23
CA PHE E 65 16.04 19.30 -12.48
C PHE E 65 16.63 18.61 -11.27
N TRP E 66 17.69 17.85 -11.52
CA TRP E 66 18.40 17.13 -10.50
C TRP E 66 18.84 18.05 -9.34
N LEU E 67 19.42 19.20 -9.72
CA LEU E 67 19.94 20.20 -8.81
C LEU E 67 18.83 20.82 -8.00
N ALA E 68 17.73 21.11 -8.67
CA ALA E 68 16.47 21.49 -8.00
C ALA E 68 15.95 20.49 -6.96
N CYS E 69 15.88 19.24 -7.32
CA CYS E 69 15.54 18.22 -6.33
C CYS E 69 16.49 18.22 -5.11
N GLU E 70 17.79 18.36 -5.33
CA GLU E 70 18.75 18.32 -4.22
C GLU E 70 18.55 19.43 -3.22
N GLU E 71 18.24 20.62 -3.70
CA GLU E 71 17.86 21.75 -2.84
C GLU E 71 16.48 21.55 -2.15
N PHE E 72 15.49 21.09 -2.90
CA PHE E 72 14.17 20.79 -2.41
C PHE E 72 14.21 19.85 -1.20
N LYS E 73 15.05 18.83 -1.27
CA LYS E 73 15.09 17.76 -0.26
C LYS E 73 15.57 18.28 1.09
N LYS E 74 16.13 19.47 1.15
CA LYS E 74 16.64 20.04 2.39
C LYS E 74 15.55 20.85 3.11
N ILE E 75 14.43 21.04 2.44
CA ILE E 75 13.33 21.88 3.02
C ILE E 75 12.57 21.06 4.08
N ARG E 76 12.38 21.67 5.25
CA ARG E 76 11.68 21.02 6.36
C ARG E 76 10.23 21.54 6.59
N SER E 77 9.95 22.78 6.23
CA SER E 77 8.58 23.25 6.39
C SER E 77 7.67 22.53 5.41
N ALA E 78 6.57 21.96 5.90
CA ALA E 78 5.54 21.32 5.03
C ALA E 78 5.02 22.27 3.97
N THR E 79 4.70 23.50 4.37
CA THR E 79 4.23 24.47 3.38
C THR E 79 5.30 24.89 2.35
N LYS E 80 6.54 25.12 2.75
CA LYS E 80 7.59 25.41 1.77
C LYS E 80 7.88 24.19 0.88
N LEU E 81 7.71 22.97 1.40
CA LEU E 81 7.81 21.76 0.59
C LEU E 81 6.70 21.69 -0.45
N ALA E 82 5.44 21.89 -0.08
CA ALA E 82 4.37 21.91 -1.12
C ALA E 82 4.54 23.00 -2.18
N SER E 83 4.71 24.28 -1.76
CA SER E 83 4.98 25.42 -2.65
C SER E 83 6.16 25.17 -3.61
N ARG E 84 7.29 24.73 -3.11
CA ARG E 84 8.39 24.35 -4.00
C ARG E 84 8.07 23.19 -4.91
N ALA E 85 7.32 22.22 -4.41
CA ALA E 85 7.03 21.05 -5.20
C ALA E 85 6.23 21.44 -6.38
N HIS E 86 5.28 22.39 -6.16
CA HIS E 86 4.44 22.75 -7.29
C HIS E 86 5.23 23.48 -8.37
N GLN E 87 6.19 24.29 -7.94
CA GLN E 87 7.00 25.11 -8.85
C GLN E 87 7.88 24.19 -9.67
N ILE E 88 8.47 23.21 -9.03
CA ILE E 88 9.29 22.25 -9.72
C ILE E 88 8.51 21.41 -10.71
N PHE E 89 7.34 20.89 -10.30
CA PHE E 89 6.46 20.14 -11.20
C PHE E 89 6.23 20.90 -12.47
N GLU E 90 5.75 22.10 -12.29
CA GLU E 90 5.40 22.97 -13.41
C GLU E 90 6.55 23.40 -14.30
N GLU E 91 7.77 23.43 -13.76
CA GLU E 91 8.94 23.84 -14.57
C GLU E 91 9.54 22.67 -15.33
N PHE E 92 9.51 21.48 -14.71
CA PHE E 92 10.25 20.33 -15.19
C PHE E 92 9.44 19.08 -15.51
N ILE E 93 8.24 18.91 -14.94
CA ILE E 93 7.62 17.56 -14.93
C ILE E 93 6.33 17.47 -15.76
N CYS E 94 5.56 18.56 -15.80
CA CYS E 94 4.22 18.44 -16.29
C CYS E 94 4.35 18.45 -17.80
N SER E 95 3.35 17.87 -18.47
CA SER E 95 3.32 17.86 -19.93
C SER E 95 3.42 19.27 -20.44
N GLU E 96 4.31 19.48 -21.41
CA GLU E 96 4.62 20.80 -21.96
C GLU E 96 5.28 21.77 -20.96
N ALA E 97 5.99 21.27 -19.95
CA ALA E 97 6.78 22.14 -19.06
C ALA E 97 7.88 22.88 -19.84
N PRO E 98 8.17 24.16 -19.48
CA PRO E 98 9.21 24.89 -20.19
C PRO E 98 10.54 24.14 -20.22
N LYS E 99 10.77 23.31 -19.21
CA LYS E 99 12.01 22.56 -19.08
C LYS E 99 11.73 21.05 -18.82
N GLU E 100 10.71 20.52 -19.51
CA GLU E 100 10.25 19.14 -19.31
C GLU E 100 11.36 18.14 -19.51
N VAL E 101 11.50 17.24 -18.54
CA VAL E 101 12.46 16.16 -18.62
C VAL E 101 11.73 15.02 -19.30
N ASN E 102 12.52 14.07 -19.76
CA ASN E 102 12.05 12.95 -20.54
C ASN E 102 11.68 11.82 -19.59
N ILE E 103 10.46 11.84 -19.06
CA ILE E 103 10.00 10.78 -18.14
C ILE E 103 8.66 10.24 -18.58
N ASP E 104 8.34 9.05 -18.10
CA ASP E 104 7.12 8.39 -18.53
C ASP E 104 5.89 8.86 -17.76
N HIS E 105 4.72 8.47 -18.28
CA HIS E 105 3.42 8.89 -17.77
C HIS E 105 3.29 8.53 -16.28
N GLU E 106 3.66 7.30 -15.92
CA GLU E 106 3.46 6.88 -14.53
C GLU E 106 4.28 7.72 -13.55
N THR E 107 5.54 7.95 -13.87
CA THR E 107 6.40 8.73 -13.00
C THR E 107 5.87 10.14 -12.85
N ARG E 108 5.39 10.74 -13.93
CA ARG E 108 4.84 12.08 -13.82
C ARG E 108 3.58 12.12 -12.93
N GLU E 109 2.66 11.18 -13.16
CA GLU E 109 1.39 11.14 -12.40
C GLU E 109 1.61 10.82 -10.88
N LEU E 110 2.54 9.93 -10.60
CA LEU E 110 2.91 9.60 -9.22
C LEU E 110 3.43 10.86 -8.58
N THR E 111 4.31 11.55 -9.29
CA THR E 111 4.81 12.84 -8.82
C THR E 111 3.68 13.83 -8.59
N ARG E 112 2.78 14.00 -9.54
CA ARG E 112 1.65 14.91 -9.39
C ARG E 112 0.80 14.64 -8.16
N MET E 113 0.58 13.37 -7.83
CA MET E 113 -0.25 13.03 -6.70
C MET E 113 0.41 13.32 -5.34
N ASN E 114 1.73 13.44 -5.31
CA ASN E 114 2.48 13.74 -4.08
C ASN E 114 2.62 15.24 -3.80
N LEU E 115 2.28 16.08 -4.77
CA LEU E 115 2.59 17.50 -4.66
C LEU E 115 2.00 18.14 -3.44
N GLN E 116 0.70 17.91 -3.25
CA GLN E 116 -0.06 18.58 -2.21
C GLN E 116 0.51 18.28 -0.82
N THR E 117 0.93 17.04 -0.65
CA THR E 117 1.46 16.58 0.63
C THR E 117 2.93 16.33 0.52
N ALA E 118 3.62 17.19 -0.21
CA ALA E 118 4.98 16.94 -0.61
C ALA E 118 5.85 16.75 0.58
N THR E 119 6.61 15.67 0.57
CA THR E 119 7.65 15.45 1.53
C THR E 119 8.91 15.59 0.73
N ALA E 120 10.02 15.47 1.44
CA ALA E 120 11.35 15.54 0.85
C ALA E 120 11.68 14.43 -0.16
N THR E 121 10.89 13.36 -0.19
CA THR E 121 11.01 12.31 -1.18
C THR E 121 10.06 12.47 -2.39
N CYS E 122 9.38 13.61 -2.50
CA CYS E 122 8.39 13.83 -3.57
C CYS E 122 8.92 13.49 -5.00
N PHE E 123 10.17 13.89 -5.27
CA PHE E 123 10.76 13.72 -6.61
C PHE E 123 11.74 12.55 -6.75
N ASP E 124 11.78 11.61 -5.82
CA ASP E 124 12.83 10.60 -5.90
C ASP E 124 12.74 9.78 -7.19
N ALA E 125 11.52 9.38 -7.57
CA ALA E 125 11.36 8.55 -8.75
C ALA E 125 11.85 9.26 -9.99
N ALA E 126 11.37 10.48 -10.14
CA ALA E 126 11.74 11.34 -11.25
C ALA E 126 13.21 11.74 -11.19
N GLN E 127 13.72 12.07 -10.02
CA GLN E 127 15.14 12.40 -9.93
C GLN E 127 16.02 11.23 -10.33
N GLY E 128 15.63 10.02 -9.92
CA GLY E 128 16.36 8.83 -10.22
C GLY E 128 16.39 8.49 -11.68
N LYS E 129 15.26 8.60 -12.34
CA LYS E 129 15.20 8.37 -13.78
C LYS E 129 16.10 9.41 -14.49
N THR E 130 16.06 10.65 -14.05
CA THR E 130 16.84 11.68 -14.73
C THR E 130 18.33 11.45 -14.50
N ARG E 131 18.70 11.00 -13.32
CA ARG E 131 20.07 10.66 -13.05
C ARG E 131 20.56 9.58 -14.04
N THR E 132 19.82 8.49 -14.15
CA THR E 132 20.12 7.40 -15.09
C THR E 132 20.27 7.84 -16.52
N LEU E 133 19.40 8.75 -16.98
CA LEU E 133 19.50 9.38 -18.32
C LEU E 133 20.82 10.10 -18.57
N MET E 134 21.20 10.95 -17.61
CA MET E 134 22.47 11.68 -17.69
C MET E 134 23.66 10.71 -17.64
N GLU E 135 23.62 9.78 -16.71
CA GLU E 135 24.78 8.92 -16.47
C GLU E 135 25.05 7.95 -17.58
N LYS E 136 23.99 7.48 -18.22
CA LYS E 136 24.14 6.45 -19.24
C LYS E 136 24.57 7.08 -20.54
N ASP E 137 24.06 8.26 -20.84
CA ASP E 137 24.26 8.84 -22.16
C ASP E 137 25.41 9.83 -22.13
N SER E 138 25.17 10.95 -21.46
CA SER E 138 25.98 12.15 -21.58
C SER E 138 27.27 12.10 -20.74
N TYR E 139 27.20 11.51 -19.54
CA TYR E 139 28.36 11.45 -18.64
C TYR E 139 29.64 10.87 -19.27
N PRO E 140 29.54 9.71 -19.97
CA PRO E 140 30.73 9.17 -20.62
C PRO E 140 31.27 10.04 -21.76
N ARG E 141 30.38 10.75 -22.44
CA ARG E 141 30.79 11.67 -23.49
C ARG E 141 31.45 12.92 -22.92
N PHE E 142 30.98 13.33 -21.75
CA PHE E 142 31.60 14.44 -21.01
C PHE E 142 33.04 14.11 -20.72
N LEU E 143 33.30 12.86 -20.33
CA LEU E 143 34.67 12.40 -20.05
C LEU E 143 35.50 12.19 -21.31
N LYS E 144 34.84 11.92 -22.45
CA LYS E 144 35.53 11.87 -23.74
C LYS E 144 35.76 13.26 -24.35
N SER E 145 35.20 14.33 -23.76
CA SER E 145 35.31 15.69 -24.34
C SER E 145 36.74 16.25 -24.27
N PRO E 146 37.06 17.23 -25.14
CA PRO E 146 38.34 17.91 -25.14
C PRO E 146 38.58 18.72 -23.87
N ALA E 147 37.61 19.54 -23.49
CA ALA E 147 37.71 20.32 -22.26
C ALA E 147 38.00 19.44 -21.03
N TYR E 148 37.42 18.23 -20.97
CA TYR E 148 37.72 17.34 -19.86
C TYR E 148 39.11 16.73 -20.02
N ARG E 149 39.37 16.13 -21.17
CA ARG E 149 40.69 15.56 -21.42
C ARG E 149 41.78 16.60 -21.12
N ASP E 150 41.53 17.87 -21.46
CA ASP E 150 42.44 18.98 -21.17
C ASP E 150 42.62 19.21 -19.65
N LEU E 151 41.53 19.40 -18.92
CA LEU E 151 41.64 19.62 -17.47
C LEU E 151 42.27 18.42 -16.75
N ALA E 152 41.95 17.22 -17.22
CA ALA E 152 42.51 15.97 -16.67
C ALA E 152 44.01 15.87 -16.95
N ALA E 153 44.42 16.34 -18.13
CA ALA E 153 45.83 16.45 -18.49
C ALA E 153 46.53 17.45 -17.59
N GLN E 154 45.97 18.66 -17.49
CA GLN E 154 46.47 19.63 -16.51
C GLN E 154 46.47 19.07 -15.09
N ALA E 155 45.41 18.34 -14.73
CA ALA E 155 45.29 17.81 -13.38
C ALA E 155 46.46 16.86 -13.03
N SER E 156 46.78 15.96 -13.95
CA SER E 156 47.81 14.94 -13.74
C SER E 156 49.22 15.54 -13.67
N ALA E 157 49.40 16.68 -14.34
CA ALA E 157 50.66 17.45 -14.25
C ALA E 157 51.00 17.84 -12.81
N ALA E 158 49.98 18.15 -12.01
CA ALA E 158 50.17 18.34 -10.58
C ALA E 158 50.55 17.01 -9.89
#